data_5C6V
#
_entry.id   5C6V
#
_cell.length_a   81.743
_cell.length_b   65.042
_cell.length_c   107.735
_cell.angle_alpha   90.00
_cell.angle_beta   105.40
_cell.angle_gamma   90.00
#
_symmetry.space_group_name_H-M   'P 1 21 1'
#
loop_
_entity.id
_entity.type
_entity.pdbx_description
1 polymer 'ASPR2 protein'
2 polymer 'AFP homolog 2'
3 water water
#
loop_
_entity_poly.entity_id
_entity_poly.type
_entity_poly.pdbx_seq_one_letter_code
_entity_poly.pdbx_strand_id
1 'polypeptide(L)'
;MSSLSRELVFLILQFLDEEKFKETVHKLEQESGFFFNMKYFEEKVHAGEWDEVEKYLSGFTKVDDNRYSMKIFFEIRKQK
YLEALDRHDRAKAVDILVKDLKVFSTFNEELYKEITQLLTLENFRENEQLSKYGDTKSARSIMLIELKKLIEANPLFREK
LVFPTLKASRLRTLINQSLNWQHQLCKNPRPNPDIKTLFTDHTCTPPNG
;
A,B,C,D
2 'polypeptide(L)' DNGLELSLGLS E,F,G,H
#
# COMPACT_ATOMS: atom_id res chain seq x y z
N MET A 1 -15.68 36.50 -38.22
CA MET A 1 -15.90 36.18 -36.82
C MET A 1 -14.83 35.25 -36.25
N SER A 2 -15.19 34.53 -35.18
CA SER A 2 -14.39 33.42 -34.65
C SER A 2 -14.61 32.15 -35.44
N SER A 3 -15.47 32.24 -36.44
CA SER A 3 -15.74 31.12 -37.32
C SER A 3 -14.49 30.92 -38.15
N LEU A 4 -13.65 31.95 -38.20
CA LEU A 4 -12.32 31.83 -38.76
C LEU A 4 -11.46 30.94 -37.88
N SER A 5 -11.16 31.39 -36.67
CA SER A 5 -10.30 30.61 -35.77
C SER A 5 -10.84 29.18 -35.58
N ARG A 6 -12.15 28.98 -35.63
CA ARG A 6 -12.66 27.61 -35.63
C ARG A 6 -12.21 26.86 -36.90
N GLU A 7 -12.38 27.49 -38.06
CA GLU A 7 -12.04 26.88 -39.36
C GLU A 7 -10.56 26.63 -39.49
N LEU A 8 -9.79 27.56 -38.96
CA LEU A 8 -8.34 27.51 -39.00
C LEU A 8 -7.84 26.33 -38.18
N VAL A 9 -8.55 26.01 -37.09
CA VAL A 9 -8.24 24.85 -36.27
C VAL A 9 -8.37 23.54 -37.05
N PHE A 10 -9.42 23.43 -37.86
CA PHE A 10 -9.64 22.19 -38.63
C PHE A 10 -8.50 21.98 -39.61
N LEU A 11 -8.14 23.05 -40.29
CA LEU A 11 -7.01 23.05 -41.20
C LEU A 11 -5.75 22.57 -40.49
N ILE A 12 -5.45 23.17 -39.33
CA ILE A 12 -4.29 22.78 -38.53
C ILE A 12 -4.42 21.31 -38.09
N LEU A 13 -5.63 20.91 -37.67
CA LEU A 13 -5.89 19.52 -37.29
C LEU A 13 -5.55 18.54 -38.40
N GLN A 14 -6.03 18.87 -39.60
CA GLN A 14 -5.83 18.03 -40.77
C GLN A 14 -4.36 17.87 -41.06
N PHE A 15 -3.66 18.99 -41.02
CA PHE A 15 -2.22 19.03 -41.22
C PHE A 15 -1.49 18.14 -40.21
N LEU A 16 -1.82 18.32 -38.93
CA LEU A 16 -1.20 17.55 -37.84
C LEU A 16 -1.39 16.05 -38.05
N ASP A 17 -2.57 15.68 -38.55
CA ASP A 17 -2.90 14.28 -38.83
C ASP A 17 -2.09 13.73 -40.01
N GLU A 18 -1.90 14.54 -41.06
CA GLU A 18 -1.11 14.15 -42.23
C GLU A 18 0.35 13.93 -41.88
N GLU A 19 0.85 14.70 -40.92
CA GLU A 19 2.23 14.58 -40.46
C GLU A 19 2.41 13.55 -39.34
N LYS A 20 1.30 12.88 -38.98
CA LYS A 20 1.29 11.82 -37.98
C LYS A 20 1.62 12.29 -36.56
N PHE A 21 1.22 13.51 -36.21
CA PHE A 21 1.37 13.90 -34.81
C PHE A 21 0.08 13.55 -34.06
N LYS A 22 0.05 12.36 -33.47
CA LYS A 22 -1.22 11.81 -32.99
C LYS A 22 -1.74 12.53 -31.76
N GLU A 23 -0.84 12.73 -30.81
CA GLU A 23 -1.19 13.30 -29.53
C GLU A 23 -1.49 14.81 -29.61
N THR A 24 -0.89 15.48 -30.57
CA THR A 24 -1.17 16.89 -30.80
C THR A 24 -2.55 17.03 -31.42
N VAL A 25 -2.94 16.04 -32.23
CA VAL A 25 -4.27 16.04 -32.83
C VAL A 25 -5.33 16.00 -31.75
N HIS A 26 -5.15 15.12 -30.78
CA HIS A 26 -6.18 14.94 -29.79
C HIS A 26 -6.14 15.99 -28.70
N LYS A 27 -4.99 16.57 -28.39
CA LYS A 27 -4.98 17.67 -27.44
C LYS A 27 -5.75 18.83 -28.03
N LEU A 28 -5.54 19.07 -29.32
CA LEU A 28 -6.19 20.18 -30.01
C LEU A 28 -7.68 19.93 -30.13
N GLU A 29 -8.05 18.70 -30.46
CA GLU A 29 -9.46 18.31 -30.50
C GLU A 29 -10.08 18.66 -29.15
N GLN A 30 -9.39 18.27 -28.08
CA GLN A 30 -9.87 18.47 -26.72
C GLN A 30 -9.90 19.95 -26.32
N GLU A 31 -8.81 20.67 -26.55
CA GLU A 31 -8.69 22.03 -26.07
C GLU A 31 -9.54 23.04 -26.86
N SER A 32 -9.72 22.82 -28.15
CA SER A 32 -10.60 23.68 -28.93
C SER A 32 -12.08 23.33 -28.70
N GLY A 33 -12.35 22.05 -28.42
CA GLY A 33 -13.71 21.58 -28.30
C GLY A 33 -14.51 21.67 -29.61
N PHE A 34 -13.79 21.81 -30.72
CA PHE A 34 -14.42 21.95 -32.03
C PHE A 34 -14.80 20.66 -32.74
N PHE A 35 -14.03 19.59 -32.52
CA PHE A 35 -14.31 18.30 -33.15
C PHE A 35 -14.09 17.13 -32.21
N PHE A 36 -15.10 16.28 -32.08
CA PHE A 36 -14.98 15.10 -31.23
C PHE A 36 -14.60 13.84 -32.00
N ASN A 37 -13.43 13.30 -31.68
CA ASN A 37 -12.90 12.22 -32.49
C ASN A 37 -13.32 10.91 -31.88
N MET A 38 -14.42 10.36 -32.42
CA MET A 38 -15.03 9.14 -31.89
C MET A 38 -14.06 7.99 -31.95
N LYS A 39 -13.42 7.85 -33.11
CA LYS A 39 -12.42 6.81 -33.36
C LYS A 39 -11.37 6.80 -32.23
N TYR A 40 -10.91 7.98 -31.82
CA TYR A 40 -9.95 8.09 -30.72
C TYR A 40 -10.57 7.63 -29.40
N PHE A 41 -11.80 8.09 -29.13
CA PHE A 41 -12.53 7.78 -27.90
C PHE A 41 -12.68 6.27 -27.68
N GLU A 42 -13.10 5.57 -28.72
CA GLU A 42 -13.26 4.11 -28.67
C GLU A 42 -11.93 3.43 -28.35
N GLU A 43 -10.90 3.83 -29.07
CA GLU A 43 -9.57 3.27 -28.90
C GLU A 43 -9.12 3.37 -27.43
N LYS A 44 -9.36 4.52 -26.82
CA LYS A 44 -8.98 4.75 -25.42
C LYS A 44 -9.89 4.02 -24.43
N VAL A 45 -11.17 3.90 -24.75
CA VAL A 45 -12.08 3.13 -23.91
C VAL A 45 -11.68 1.66 -23.91
N HIS A 46 -11.44 1.09 -25.10
CA HIS A 46 -10.98 -0.30 -25.13
C HIS A 46 -9.72 -0.48 -24.30
N ALA A 47 -8.79 0.47 -24.40
CA ALA A 47 -7.51 0.38 -23.71
C ALA A 47 -7.64 0.61 -22.24
N GLY A 48 -8.83 1.00 -21.80
CA GLY A 48 -9.09 1.32 -20.41
C GLY A 48 -8.33 2.50 -19.83
N GLU A 49 -8.00 3.49 -20.65
CA GLU A 49 -7.23 4.61 -20.10
C GLU A 49 -8.28 5.58 -19.60
N TRP A 50 -8.69 5.47 -18.35
CA TRP A 50 -9.89 6.19 -17.94
C TRP A 50 -9.55 7.65 -17.71
N ASP A 51 -8.34 7.91 -17.25
CA ASP A 51 -7.88 9.28 -17.03
C ASP A 51 -7.83 10.04 -18.35
N GLU A 52 -7.29 9.44 -19.40
CA GLU A 52 -7.23 10.08 -20.71
C GLU A 52 -8.64 10.16 -21.31
N VAL A 53 -9.40 9.09 -21.11
CA VAL A 53 -10.80 9.11 -21.53
C VAL A 53 -11.51 10.32 -20.93
N GLU A 54 -11.50 10.43 -19.61
CA GLU A 54 -12.26 11.50 -18.96
C GLU A 54 -11.73 12.89 -19.23
N LYS A 55 -10.42 13.05 -19.31
CA LYS A 55 -9.91 14.38 -19.55
C LYS A 55 -10.27 14.80 -20.98
N TYR A 56 -10.26 13.86 -21.92
CA TYR A 56 -10.66 14.17 -23.29
C TYR A 56 -12.12 14.64 -23.32
N LEU A 57 -13.00 13.94 -22.61
CA LEU A 57 -14.39 14.35 -22.52
C LEU A 57 -14.56 15.75 -21.94
N SER A 58 -13.67 16.12 -21.02
CA SER A 58 -13.76 17.40 -20.31
C SER A 58 -13.65 18.60 -21.24
N GLY A 59 -12.99 18.40 -22.38
CA GLY A 59 -12.86 19.43 -23.39
C GLY A 59 -14.19 19.70 -24.05
N PHE A 60 -15.14 18.82 -23.78
CA PHE A 60 -16.46 18.86 -24.41
C PHE A 60 -17.66 19.04 -23.48
N THR A 61 -17.68 18.38 -22.33
CA THR A 61 -18.83 18.48 -21.42
C THR A 61 -18.47 18.19 -19.97
N LYS A 62 -19.29 18.70 -19.05
CA LYS A 62 -19.13 18.47 -17.61
C LYS A 62 -20.07 17.36 -17.19
N VAL A 63 -19.97 16.91 -15.93
CA VAL A 63 -20.83 15.81 -15.48
C VAL A 63 -22.29 16.27 -15.42
N ASP A 64 -22.51 17.50 -14.98
CA ASP A 64 -23.86 18.00 -14.76
C ASP A 64 -24.44 18.85 -15.89
N ASP A 65 -23.80 18.88 -17.07
CA ASP A 65 -24.33 19.73 -18.15
C ASP A 65 -25.73 19.29 -18.63
N ASN A 66 -25.96 18.00 -18.79
CA ASN A 66 -27.27 17.50 -19.20
C ASN A 66 -27.37 16.02 -18.82
N ARG A 67 -28.59 15.49 -18.83
CA ARG A 67 -28.82 14.12 -18.39
C ARG A 67 -28.09 13.06 -19.19
N TYR A 68 -27.83 13.35 -20.45
CA TYR A 68 -27.11 12.41 -21.29
C TYR A 68 -25.65 12.30 -20.87
N SER A 69 -24.98 13.43 -20.80
CA SER A 69 -23.55 13.42 -20.51
C SER A 69 -23.28 13.02 -19.06
N MET A 70 -24.29 13.09 -18.20
CA MET A 70 -24.14 12.62 -16.84
C MET A 70 -24.28 11.09 -16.75
N LYS A 71 -25.09 10.48 -17.61
CA LYS A 71 -25.07 9.01 -17.74
C LYS A 71 -23.73 8.58 -18.38
N ILE A 72 -23.16 9.46 -19.23
CA ILE A 72 -21.87 9.18 -19.86
C ILE A 72 -20.78 8.99 -18.83
N PHE A 73 -20.64 9.94 -17.92
CA PHE A 73 -19.59 9.83 -16.92
C PHE A 73 -19.80 8.70 -15.94
N PHE A 74 -21.05 8.50 -15.54
CA PHE A 74 -21.41 7.43 -14.61
C PHE A 74 -21.07 6.05 -15.11
N GLU A 75 -21.45 5.75 -16.35
CA GLU A 75 -21.15 4.46 -16.96
C GLU A 75 -19.64 4.25 -17.05
N ILE A 76 -18.90 5.30 -17.34
CA ILE A 76 -17.45 5.15 -17.38
C ILE A 76 -16.90 4.85 -15.99
N ARG A 77 -17.34 5.62 -15.01
CA ARG A 77 -16.83 5.49 -13.65
C ARG A 77 -17.29 4.23 -12.96
N LYS A 78 -18.47 3.74 -13.32
CA LYS A 78 -18.92 2.45 -12.83
C LYS A 78 -17.99 1.36 -13.33
N GLN A 79 -17.65 1.43 -14.61
CA GLN A 79 -16.77 0.42 -15.21
C GLN A 79 -15.39 0.44 -14.58
N LYS A 80 -14.90 1.64 -14.33
CA LYS A 80 -13.64 1.87 -13.66
C LYS A 80 -13.61 1.14 -12.33
N TYR A 81 -14.69 1.33 -11.58
CA TYR A 81 -14.92 0.72 -10.27
C TYR A 81 -14.98 -0.80 -10.28
N LEU A 82 -15.79 -1.36 -11.18
CA LEU A 82 -15.96 -2.81 -11.27
C LEU A 82 -14.64 -3.47 -11.63
N GLU A 83 -13.90 -2.85 -12.54
CA GLU A 83 -12.58 -3.37 -12.90
C GLU A 83 -11.67 -3.49 -11.69
N ALA A 84 -11.68 -2.49 -10.83
CA ALA A 84 -10.85 -2.56 -9.62
C ALA A 84 -11.32 -3.73 -8.75
N LEU A 85 -12.64 -3.87 -8.60
CA LEU A 85 -13.17 -4.98 -7.84
C LEU A 85 -12.69 -6.30 -8.44
N ASP A 86 -12.66 -6.36 -9.75
CA ASP A 86 -12.39 -7.62 -10.41
C ASP A 86 -10.93 -8.07 -10.31
N ARG A 87 -10.01 -7.12 -10.18
CA ARG A 87 -8.61 -7.45 -9.98
C ARG A 87 -8.31 -7.49 -8.48
N HIS A 88 -9.39 -7.46 -7.69
CA HIS A 88 -9.34 -7.56 -6.22
C HIS A 88 -8.57 -6.42 -5.59
N ASP A 89 -8.65 -5.25 -6.20
CA ASP A 89 -7.93 -4.13 -5.67
C ASP A 89 -8.97 -3.31 -4.91
N ARG A 90 -9.16 -3.64 -3.64
CA ARG A 90 -10.31 -3.12 -2.89
C ARG A 90 -10.02 -1.72 -2.47
N ALA A 91 -8.73 -1.46 -2.33
CA ALA A 91 -8.25 -0.13 -2.04
C ALA A 91 -8.61 0.86 -3.14
N LYS A 92 -8.34 0.49 -4.39
CA LYS A 92 -8.62 1.36 -5.53
C LYS A 92 -10.12 1.53 -5.72
N ALA A 93 -10.86 0.46 -5.46
CA ALA A 93 -12.31 0.47 -5.61
C ALA A 93 -12.98 1.49 -4.69
N VAL A 94 -12.50 1.60 -3.45
CA VAL A 94 -13.07 2.57 -2.51
C VAL A 94 -12.73 3.99 -2.90
N ASP A 95 -11.52 4.20 -3.42
CA ASP A 95 -11.12 5.52 -3.82
C ASP A 95 -11.96 5.95 -5.03
N ILE A 96 -12.14 5.03 -5.99
CA ILE A 96 -12.96 5.31 -7.16
C ILE A 96 -14.38 5.61 -6.71
N LEU A 97 -14.89 4.81 -5.77
CA LEU A 97 -16.24 5.01 -5.27
C LEU A 97 -16.45 6.40 -4.68
N VAL A 98 -15.46 6.87 -3.92
CA VAL A 98 -15.52 8.16 -3.22
C VAL A 98 -15.17 9.40 -4.05
N LYS A 99 -14.12 9.34 -4.85
CA LYS A 99 -13.78 10.51 -5.63
C LYS A 99 -14.67 10.61 -6.87
N ASP A 100 -14.75 9.48 -7.57
CA ASP A 100 -15.38 9.44 -8.89
C ASP A 100 -16.86 9.13 -8.92
N LEU A 101 -17.30 8.14 -8.16
CA LEU A 101 -18.70 7.72 -8.25
C LEU A 101 -19.57 8.48 -7.29
N LYS A 102 -18.94 9.11 -6.33
CA LYS A 102 -19.66 9.71 -5.22
C LYS A 102 -20.58 10.86 -5.63
N VAL A 103 -20.29 11.50 -6.76
CA VAL A 103 -21.11 12.61 -7.22
C VAL A 103 -22.59 12.23 -7.41
N PHE A 104 -22.85 10.97 -7.72
CA PHE A 104 -24.19 10.48 -8.03
C PHE A 104 -24.97 10.09 -6.77
N SER A 105 -24.29 10.22 -5.63
CA SER A 105 -24.79 9.84 -4.34
C SER A 105 -26.13 10.52 -3.99
N THR A 106 -26.21 11.80 -4.32
CA THR A 106 -27.29 12.71 -3.95
C THR A 106 -28.68 12.44 -4.50
N PHE A 107 -28.77 12.26 -5.82
CA PHE A 107 -30.10 12.00 -6.35
C PHE A 107 -30.34 10.55 -6.55
N ASN A 108 -29.25 9.79 -6.54
CA ASN A 108 -29.40 8.37 -6.51
C ASN A 108 -28.68 7.94 -5.23
N GLU A 109 -29.42 7.86 -4.13
CA GLU A 109 -28.82 7.54 -2.85
C GLU A 109 -28.70 6.05 -2.83
N GLU A 110 -29.81 5.46 -3.29
CA GLU A 110 -30.02 4.04 -3.26
C GLU A 110 -29.14 3.34 -4.25
N LEU A 111 -28.97 3.95 -5.42
CA LEU A 111 -28.15 3.29 -6.43
C LEU A 111 -26.72 3.24 -5.89
N TYR A 112 -26.29 4.35 -5.31
CA TYR A 112 -24.98 4.45 -4.71
C TYR A 112 -24.79 3.42 -3.58
N LYS A 113 -25.84 3.20 -2.79
CA LYS A 113 -25.81 2.19 -1.73
C LYS A 113 -25.62 0.79 -2.25
N GLU A 114 -26.44 0.40 -3.23
CA GLU A 114 -26.31 -0.91 -3.87
C GLU A 114 -24.92 -1.10 -4.41
N ILE A 115 -24.39 -0.04 -5.03
CA ILE A 115 -23.10 -0.07 -5.68
C ILE A 115 -21.95 -0.18 -4.67
N THR A 116 -22.06 0.51 -3.55
CA THR A 116 -21.02 0.38 -2.53
C THR A 116 -20.92 -1.06 -2.03
N GLN A 117 -22.08 -1.68 -1.85
CA GLN A 117 -22.19 -3.00 -1.23
C GLN A 117 -21.53 -4.11 -2.05
N LEU A 118 -21.11 -3.81 -3.27
CA LEU A 118 -20.43 -4.78 -4.11
C LEU A 118 -19.03 -5.10 -3.57
N LEU A 119 -18.51 -4.24 -2.71
CA LEU A 119 -17.21 -4.44 -2.06
C LEU A 119 -17.15 -5.72 -1.24
N THR A 120 -18.29 -6.09 -0.65
CA THR A 120 -18.35 -7.21 0.29
C THR A 120 -18.67 -8.55 -0.37
N LEU A 121 -18.98 -8.53 -1.66
CA LEU A 121 -19.24 -9.75 -2.40
C LEU A 121 -17.88 -10.33 -2.74
N GLU A 122 -17.77 -11.65 -2.80
CA GLU A 122 -16.52 -12.30 -3.21
C GLU A 122 -16.24 -12.03 -4.67
N ASN A 123 -17.31 -12.05 -5.46
CA ASN A 123 -17.33 -11.69 -6.87
C ASN A 123 -18.64 -10.95 -7.13
N PHE A 124 -18.55 -9.73 -7.67
CA PHE A 124 -19.73 -8.87 -7.80
C PHE A 124 -20.78 -9.42 -8.76
N ARG A 125 -20.45 -10.48 -9.48
CA ARG A 125 -21.45 -11.10 -10.34
C ARG A 125 -22.49 -11.87 -9.52
N GLU A 126 -22.28 -11.94 -8.21
CA GLU A 126 -23.26 -12.57 -7.33
C GLU A 126 -24.50 -11.68 -7.23
N ASN A 127 -24.33 -10.40 -7.50
CA ASN A 127 -25.45 -9.50 -7.60
C ASN A 127 -26.29 -9.81 -8.84
N GLU A 128 -27.58 -9.55 -8.72
CA GLU A 128 -28.58 -9.91 -9.71
C GLU A 128 -28.36 -9.25 -11.07
N GLN A 129 -28.26 -7.93 -11.07
CA GLN A 129 -28.14 -7.09 -12.26
C GLN A 129 -26.79 -7.22 -12.97
N LEU A 130 -25.77 -7.63 -12.22
CA LEU A 130 -24.44 -7.85 -12.74
C LEU A 130 -24.14 -9.31 -13.11
N SER A 131 -25.14 -10.18 -13.12
CA SER A 131 -24.88 -11.59 -13.37
C SER A 131 -24.24 -11.91 -14.74
N LYS A 132 -24.38 -11.03 -15.73
CA LYS A 132 -23.76 -11.27 -17.04
C LYS A 132 -22.47 -10.47 -17.34
N TYR A 133 -21.99 -9.65 -16.40
CA TYR A 133 -20.80 -8.85 -16.72
C TYR A 133 -19.71 -9.88 -16.60
N GLY A 134 -19.08 -10.27 -17.70
CA GLY A 134 -18.14 -11.38 -17.56
C GLY A 134 -16.64 -11.32 -17.68
N ASP A 135 -16.14 -10.33 -18.40
CA ASP A 135 -14.81 -10.39 -18.94
C ASP A 135 -14.51 -8.92 -18.99
N THR A 136 -13.26 -8.51 -18.91
CA THR A 136 -13.04 -7.10 -19.00
C THR A 136 -13.32 -6.61 -20.40
N LYS A 137 -12.72 -7.30 -21.35
CA LYS A 137 -12.76 -6.89 -22.74
C LYS A 137 -14.18 -6.66 -23.23
N SER A 138 -15.07 -7.58 -22.90
CA SER A 138 -16.43 -7.54 -23.38
C SER A 138 -17.18 -6.43 -22.67
N ALA A 139 -16.87 -6.23 -21.40
CA ALA A 139 -17.55 -5.21 -20.62
C ALA A 139 -17.30 -3.83 -21.18
N ARG A 140 -16.04 -3.56 -21.54
CA ARG A 140 -15.63 -2.29 -22.12
C ARG A 140 -16.31 -2.07 -23.46
N SER A 141 -16.33 -3.12 -24.28
CA SER A 141 -16.96 -3.05 -25.59
C SER A 141 -18.47 -2.83 -25.52
N ILE A 142 -19.14 -3.55 -24.62
CA ILE A 142 -20.59 -3.41 -24.47
C ILE A 142 -20.97 -2.02 -24.03
N MET A 143 -20.25 -1.51 -23.05
CA MET A 143 -20.46 -0.16 -22.54
C MET A 143 -20.19 0.87 -23.62
N LEU A 144 -19.14 0.63 -24.41
CA LEU A 144 -18.72 1.54 -25.47
C LEU A 144 -19.81 1.60 -26.52
N ILE A 145 -20.47 0.47 -26.76
CA ILE A 145 -21.58 0.45 -27.68
C ILE A 145 -22.62 1.51 -27.29
N GLU A 146 -23.05 1.52 -26.02
CA GLU A 146 -24.06 2.51 -25.60
C GLU A 146 -23.51 3.95 -25.39
N LEU A 147 -22.27 4.07 -24.93
CA LEU A 147 -21.64 5.38 -24.77
C LEU A 147 -21.73 6.13 -26.09
N LYS A 148 -21.48 5.40 -27.17
CA LYS A 148 -21.57 5.92 -28.52
C LYS A 148 -22.97 6.46 -28.82
N LYS A 149 -24.01 5.70 -28.50
CA LYS A 149 -25.37 6.15 -28.68
C LYS A 149 -25.60 7.40 -27.84
N LEU A 150 -25.08 7.37 -26.62
CA LEU A 150 -25.19 8.51 -25.71
C LEU A 150 -24.42 9.76 -26.17
N ILE A 151 -23.23 9.59 -26.73
CA ILE A 151 -22.45 10.75 -27.19
C ILE A 151 -23.12 11.40 -28.39
N GLU A 152 -23.54 10.57 -29.36
CA GLU A 152 -24.23 11.05 -30.57
C GLU A 152 -25.59 11.71 -30.30
N ALA A 153 -26.32 11.21 -29.30
CA ALA A 153 -27.63 11.74 -28.94
C ALA A 153 -27.55 12.99 -28.05
N ASN A 154 -26.42 13.17 -27.41
CA ASN A 154 -26.14 14.34 -26.59
C ASN A 154 -26.10 15.61 -27.46
N PRO A 155 -26.90 16.62 -27.10
CA PRO A 155 -26.96 17.89 -27.84
C PRO A 155 -25.64 18.67 -27.94
N LEU A 156 -24.71 18.41 -27.03
CA LEU A 156 -23.46 19.15 -27.01
C LEU A 156 -22.45 18.57 -27.99
N PHE A 157 -22.70 17.36 -28.47
CA PHE A 157 -21.81 16.76 -29.46
C PHE A 157 -22.36 16.72 -30.90
N ARG A 158 -23.63 17.08 -31.09
CA ARG A 158 -24.35 16.75 -32.33
C ARG A 158 -23.73 17.29 -33.60
N GLU A 159 -23.10 18.45 -33.48
CA GLU A 159 -22.45 19.11 -34.61
C GLU A 159 -20.94 18.90 -34.65
N LYS A 160 -20.43 18.19 -33.66
CA LYS A 160 -18.98 18.00 -33.50
C LYS A 160 -18.47 16.62 -33.89
N LEU A 161 -19.35 15.76 -34.40
CA LEU A 161 -18.99 14.35 -34.55
C LEU A 161 -18.50 13.98 -35.95
N VAL A 162 -18.60 14.90 -36.89
CA VAL A 162 -18.21 14.57 -38.25
C VAL A 162 -17.26 15.62 -38.84
N PHE A 163 -16.13 15.15 -39.33
CA PHE A 163 -15.09 16.03 -39.86
C PHE A 163 -15.56 16.63 -41.17
N PRO A 164 -15.14 17.86 -41.43
CA PRO A 164 -15.39 18.53 -42.70
C PRO A 164 -14.72 17.81 -43.86
N THR A 165 -15.05 18.24 -45.07
CA THR A 165 -14.50 17.61 -46.23
C THR A 165 -13.51 18.58 -46.85
N LEU A 166 -12.30 18.10 -47.07
CA LEU A 166 -11.26 18.95 -47.60
C LEU A 166 -10.42 18.15 -48.57
N LYS A 167 -9.85 18.88 -49.53
CA LYS A 167 -8.80 18.33 -50.33
C LYS A 167 -7.69 18.04 -49.34
N ALA A 168 -6.91 16.99 -49.57
CA ALA A 168 -5.80 16.71 -48.65
C ALA A 168 -4.89 17.94 -48.57
N SER A 169 -4.35 18.20 -47.39
CA SER A 169 -3.36 19.26 -47.20
C SER A 169 -3.88 20.65 -47.60
N ARG A 170 -5.10 20.99 -47.19
CA ARG A 170 -5.67 22.28 -47.53
C ARG A 170 -4.84 23.44 -46.99
N LEU A 171 -4.25 23.28 -45.81
CA LEU A 171 -3.39 24.30 -45.23
C LEU A 171 -2.11 24.60 -46.06
N ARG A 172 -1.47 23.59 -46.64
CA ARG A 172 -0.27 23.87 -47.46
C ARG A 172 -0.55 24.65 -48.75
N THR A 173 -1.65 24.32 -49.42
CA THR A 173 -2.00 25.02 -50.64
C THR A 173 -2.32 26.48 -50.27
N LEU A 174 -2.95 26.70 -49.12
CA LEU A 174 -3.19 28.07 -48.66
C LEU A 174 -1.89 28.85 -48.46
N ILE A 175 -0.94 28.26 -47.74
CA ILE A 175 0.37 28.88 -47.60
C ILE A 175 0.96 29.19 -48.98
N ASN A 176 0.82 28.26 -49.92
CA ASN A 176 1.31 28.48 -51.28
C ASN A 176 0.65 29.72 -51.90
N GLN A 177 -0.65 29.85 -51.75
CA GLN A 177 -1.37 31.02 -52.25
C GLN A 177 -0.92 32.32 -51.58
N SER A 178 -0.69 32.28 -50.27
CA SER A 178 -0.25 33.46 -49.55
C SER A 178 1.13 33.96 -50.03
N LEU A 179 2.00 33.03 -50.40
CA LEU A 179 3.31 33.38 -50.93
C LEU A 179 3.21 33.90 -52.36
N ASN A 180 2.24 33.40 -53.11
CA ASN A 180 1.96 33.87 -54.45
C ASN A 180 1.49 35.33 -54.43
N TRP A 181 0.74 35.69 -53.40
CA TRP A 181 0.28 37.06 -53.20
C TRP A 181 1.47 37.94 -52.83
N GLN A 182 2.47 37.34 -52.21
CA GLN A 182 3.70 38.06 -51.85
C GLN A 182 4.51 38.37 -53.11
N HIS A 183 4.63 37.39 -54.00
CA HIS A 183 5.52 37.55 -55.14
C HIS A 183 4.97 38.11 -56.49
N GLN A 184 3.65 38.26 -56.66
CA GLN A 184 3.14 38.97 -57.84
C GLN A 184 3.08 40.49 -57.55
N LEU A 185 3.50 40.88 -56.35
CA LEU A 185 3.65 42.29 -56.00
C LEU A 185 5.08 42.80 -56.30
N CYS A 186 6.03 41.87 -56.14
CA CYS A 186 7.45 42.08 -56.40
C CYS A 186 7.89 42.05 -57.87
N LYS A 187 8.95 42.77 -58.19
CA LYS A 187 9.68 42.69 -59.46
C LYS A 187 11.12 42.27 -59.14
N ASN A 188 11.79 41.54 -60.02
CA ASN A 188 11.26 41.05 -61.27
C ASN A 188 11.58 39.62 -61.01
N PRO A 189 10.79 38.69 -61.60
CA PRO A 189 10.84 37.25 -61.29
C PRO A 189 12.19 36.73 -60.79
N PRO A 193 9.44 31.93 -57.74
CA PRO A 193 9.94 30.56 -57.90
C PRO A 193 11.19 30.29 -57.06
N ASP A 194 11.53 31.24 -56.20
CA ASP A 194 12.59 31.04 -55.21
C ASP A 194 12.12 31.61 -53.89
N ILE A 195 11.91 30.71 -52.94
CA ILE A 195 11.45 31.11 -51.62
C ILE A 195 12.59 31.02 -50.61
N LYS A 196 12.60 31.91 -49.62
CA LYS A 196 13.43 31.70 -48.42
C LYS A 196 12.57 31.29 -47.24
N THR A 197 11.86 32.22 -46.61
CA THR A 197 11.16 31.88 -45.37
C THR A 197 9.67 32.19 -45.36
N LEU A 198 8.97 31.61 -44.38
CA LEU A 198 7.58 31.96 -44.11
C LEU A 198 7.46 32.96 -42.98
N PHE A 199 8.59 33.28 -42.35
CA PHE A 199 8.56 34.14 -41.17
C PHE A 199 8.38 35.61 -41.56
N THR A 200 8.97 35.99 -42.70
CA THR A 200 8.89 37.37 -43.18
C THR A 200 8.62 37.38 -44.68
N ASP A 201 8.05 38.47 -45.19
CA ASP A 201 7.55 38.46 -46.58
C ASP A 201 8.64 38.52 -47.65
N HIS A 202 8.39 37.79 -48.73
CA HIS A 202 9.40 37.54 -49.76
C HIS A 202 9.62 38.75 -50.67
N THR A 203 10.89 39.14 -50.76
CA THR A 203 11.35 40.27 -51.59
C THR A 203 12.64 39.96 -52.28
N CYS A 204 12.63 40.04 -53.59
CA CYS A 204 13.84 40.15 -54.35
C CYS A 204 13.69 41.59 -54.88
N THR A 205 14.63 42.04 -55.70
CA THR A 205 14.78 43.41 -56.30
C THR A 205 15.76 44.25 -55.50
N MET B 1 10.67 15.95 -44.16
CA MET B 1 10.03 17.25 -44.02
C MET B 1 10.79 18.32 -44.83
N SER B 2 10.07 19.22 -45.48
CA SER B 2 10.72 20.38 -46.08
C SER B 2 11.01 21.34 -44.96
N SER B 3 11.74 22.42 -45.23
CA SER B 3 11.91 23.47 -44.24
C SER B 3 10.71 24.40 -44.27
N LEU B 4 9.95 24.34 -45.36
CA LEU B 4 8.65 25.01 -45.46
C LEU B 4 7.79 24.45 -44.35
N SER B 5 7.61 23.13 -44.43
CA SER B 5 6.83 22.38 -43.47
C SER B 5 7.28 22.58 -42.05
N ARG B 6 8.60 22.58 -41.86
CA ARG B 6 9.19 22.83 -40.56
C ARG B 6 8.82 24.21 -40.06
N GLU B 7 8.92 25.19 -40.95
CA GLU B 7 8.58 26.56 -40.60
C GLU B 7 7.09 26.68 -40.28
N LEU B 8 6.27 25.93 -40.99
CA LEU B 8 4.83 25.94 -40.77
C LEU B 8 4.48 25.45 -39.37
N VAL B 9 5.24 24.47 -38.88
CA VAL B 9 5.03 23.94 -37.55
C VAL B 9 5.22 25.05 -36.51
N PHE B 10 6.24 25.87 -36.73
CA PHE B 10 6.53 27.00 -35.85
C PHE B 10 5.42 28.04 -35.86
N LEU B 11 4.90 28.35 -37.04
CA LEU B 11 3.74 29.23 -37.16
C LEU B 11 2.60 28.72 -36.33
N ILE B 12 2.33 27.44 -36.49
CA ILE B 12 1.26 26.78 -35.77
C ILE B 12 1.51 26.88 -34.28
N LEU B 13 2.76 26.68 -33.85
CA LEU B 13 3.09 26.81 -32.44
C LEU B 13 2.71 28.18 -31.89
N GLN B 14 3.04 29.22 -32.65
CA GLN B 14 2.69 30.58 -32.26
C GLN B 14 1.19 30.76 -32.18
N PHE B 15 0.49 30.25 -33.20
CA PHE B 15 -0.97 30.33 -33.25
C PHE B 15 -1.60 29.66 -32.03
N LEU B 16 -1.20 28.41 -31.78
CA LEU B 16 -1.69 27.64 -30.65
C LEU B 16 -1.44 28.35 -29.32
N ASP B 17 -0.27 28.98 -29.19
CA ASP B 17 0.02 29.72 -27.96
C ASP B 17 -0.88 30.92 -27.80
N GLU B 18 -1.10 31.65 -28.90
CA GLU B 18 -1.93 32.85 -28.83
C GLU B 18 -3.38 32.50 -28.49
N GLU B 19 -3.84 31.32 -28.92
CA GLU B 19 -5.21 30.90 -28.64
C GLU B 19 -5.30 30.22 -27.28
N LYS B 20 -4.15 30.15 -26.60
CA LYS B 20 -4.05 29.62 -25.25
C LYS B 20 -4.40 28.14 -25.15
N PHE B 21 -4.11 27.38 -26.21
CA PHE B 21 -4.29 25.94 -26.09
C PHE B 21 -2.95 25.44 -25.56
N LYS B 22 -2.83 25.33 -24.24
CA LYS B 22 -1.52 25.21 -23.61
C LYS B 22 -0.87 23.86 -23.87
N GLU B 23 -1.66 22.82 -23.66
CA GLU B 23 -1.17 21.46 -23.72
C GLU B 23 -0.90 21.02 -25.15
N THR B 24 -1.64 21.60 -26.10
CA THR B 24 -1.44 21.30 -27.52
C THR B 24 -0.11 21.86 -28.02
N VAL B 25 0.28 23.00 -27.48
CA VAL B 25 1.56 23.61 -27.83
C VAL B 25 2.72 22.67 -27.49
N HIS B 26 2.69 22.13 -26.29
CA HIS B 26 3.83 21.34 -25.82
C HIS B 26 3.81 19.92 -26.39
N LYS B 27 2.63 19.41 -26.72
CA LYS B 27 2.55 18.12 -27.42
C LYS B 27 3.15 18.23 -28.81
N LEU B 28 2.93 19.38 -29.46
CA LEU B 28 3.45 19.65 -30.80
C LEU B 28 4.96 19.84 -30.77
N GLU B 29 5.46 20.56 -29.78
CA GLU B 29 6.90 20.71 -29.57
C GLU B 29 7.55 19.34 -29.48
N GLN B 30 6.93 18.50 -28.65
CA GLN B 30 7.40 17.16 -28.34
C GLN B 30 7.34 16.23 -29.55
N GLU B 31 6.20 16.19 -30.22
CA GLU B 31 6.02 15.24 -31.30
C GLU B 31 6.79 15.63 -32.55
N SER B 32 6.89 16.93 -32.82
CA SER B 32 7.66 17.43 -33.97
C SER B 32 9.14 17.33 -33.69
N GLY B 33 9.49 17.47 -32.42
CA GLY B 33 10.86 17.54 -31.96
C GLY B 33 11.63 18.74 -32.48
N PHE B 34 10.91 19.74 -32.98
CA PHE B 34 11.55 20.91 -33.57
C PHE B 34 11.99 21.98 -32.57
N PHE B 35 11.30 22.08 -31.44
CA PHE B 35 11.65 23.10 -30.45
C PHE B 35 11.56 22.59 -29.02
N PHE B 36 12.66 22.71 -28.29
CA PHE B 36 12.65 22.32 -26.88
C PHE B 36 12.44 23.55 -26.05
N ASN B 37 11.36 23.55 -25.26
CA ASN B 37 10.91 24.74 -24.54
C ASN B 37 11.42 24.67 -23.10
N MET B 38 12.50 25.38 -22.83
CA MET B 38 13.15 25.39 -21.53
C MET B 38 12.23 25.87 -20.42
N LYS B 39 11.60 27.01 -20.68
CA LYS B 39 10.66 27.63 -19.77
C LYS B 39 9.64 26.61 -19.26
N TYR B 40 9.03 25.87 -20.20
CA TYR B 40 8.07 24.83 -19.86
C TYR B 40 8.72 23.72 -19.05
N PHE B 41 9.88 23.27 -19.53
CA PHE B 41 10.62 22.22 -18.86
C PHE B 41 10.94 22.57 -17.40
N GLU B 42 11.43 23.78 -17.17
CA GLU B 42 11.71 24.24 -15.80
C GLU B 42 10.50 24.20 -14.89
N GLU B 43 9.42 24.76 -15.41
CA GLU B 43 8.14 24.80 -14.72
C GLU B 43 7.71 23.41 -14.28
N LYS B 44 7.85 22.43 -15.17
CA LYS B 44 7.47 21.06 -14.85
C LYS B 44 8.43 20.40 -13.89
N VAL B 45 9.71 20.72 -13.98
CA VAL B 45 10.66 20.15 -13.03
C VAL B 45 10.39 20.63 -11.62
N HIS B 46 10.21 21.94 -11.45
CA HIS B 46 9.86 22.52 -10.15
C HIS B 46 8.60 21.89 -9.58
N ALA B 47 7.63 21.61 -10.44
CA ALA B 47 6.38 21.01 -10.04
C ALA B 47 6.53 19.54 -9.71
N GLY B 48 7.71 18.99 -9.99
CA GLY B 48 7.96 17.58 -9.79
C GLY B 48 7.10 16.68 -10.64
N GLU B 49 6.67 17.12 -11.82
CA GLU B 49 5.78 16.23 -12.58
C GLU B 49 6.66 15.36 -13.45
N TRP B 50 7.08 14.21 -12.93
CA TRP B 50 8.17 13.50 -13.56
C TRP B 50 7.73 12.71 -14.78
N ASP B 51 6.52 12.19 -14.74
CA ASP B 51 6.01 11.43 -15.86
C ASP B 51 5.89 12.33 -17.09
N GLU B 52 5.44 13.57 -16.89
CA GLU B 52 5.31 14.51 -18.01
C GLU B 52 6.70 15.00 -18.46
N VAL B 53 7.59 15.26 -17.51
CA VAL B 53 8.98 15.60 -17.81
C VAL B 53 9.64 14.58 -18.74
N GLU B 54 9.60 13.30 -18.37
CA GLU B 54 10.25 12.28 -19.19
C GLU B 54 9.54 12.12 -20.54
N LYS B 55 8.23 12.32 -20.56
CA LYS B 55 7.47 12.22 -21.80
C LYS B 55 7.81 13.34 -22.76
N TYR B 56 7.95 14.56 -22.23
CA TYR B 56 8.36 15.72 -23.03
C TYR B 56 9.79 15.54 -23.58
N LEU B 57 10.70 15.11 -22.71
CA LEU B 57 12.06 14.79 -23.14
C LEU B 57 12.12 13.71 -24.21
N SER B 58 11.23 12.72 -24.11
CA SER B 58 11.26 11.58 -25.01
C SER B 58 11.06 11.95 -26.48
N GLY B 59 10.50 13.14 -26.72
CA GLY B 59 10.34 13.68 -28.06
C GLY B 59 11.63 14.16 -28.68
N PHE B 60 12.67 14.28 -27.85
CA PHE B 60 13.97 14.81 -28.27
C PHE B 60 15.09 13.77 -28.15
N THR B 61 15.12 13.02 -27.06
CA THR B 61 16.18 12.04 -26.87
C THR B 61 15.74 10.85 -26.01
N LYS B 62 16.39 9.71 -26.21
CA LYS B 62 16.12 8.54 -25.38
C LYS B 62 17.25 8.41 -24.35
N VAL B 63 17.12 7.49 -23.41
CA VAL B 63 18.04 7.49 -22.27
C VAL B 63 19.48 7.19 -22.68
N ASP B 64 19.64 6.28 -23.63
CA ASP B 64 20.96 5.78 -24.04
C ASP B 64 21.53 6.40 -25.33
N ASP B 65 20.96 7.51 -25.80
CA ASP B 65 21.46 8.13 -27.03
C ASP B 65 22.90 8.64 -26.89
N ASN B 66 23.18 9.32 -25.78
CA ASN B 66 24.51 9.87 -25.54
C ASN B 66 24.71 10.18 -24.06
N ARG B 67 25.95 10.38 -23.70
CA ARG B 67 26.34 10.55 -22.32
C ARG B 67 25.73 11.76 -21.61
N TYR B 68 25.40 12.78 -22.39
CA TYR B 68 24.65 13.91 -21.85
C TYR B 68 23.23 13.50 -21.52
N SER B 69 22.57 12.93 -22.51
CA SER B 69 21.17 12.56 -22.38
C SER B 69 21.04 11.42 -21.38
N MET B 70 22.15 10.71 -21.13
CA MET B 70 22.11 9.66 -20.12
C MET B 70 22.06 10.28 -18.73
N LYS B 71 22.96 11.22 -18.51
CA LYS B 71 23.05 11.86 -17.21
C LYS B 71 21.80 12.67 -16.92
N ILE B 72 21.15 13.19 -17.96
CA ILE B 72 19.90 13.92 -17.79
C ILE B 72 18.83 13.01 -17.18
N PHE B 73 18.61 11.85 -17.77
CA PHE B 73 17.62 10.91 -17.24
C PHE B 73 18.00 10.36 -15.88
N PHE B 74 19.29 10.07 -15.71
CA PHE B 74 19.79 9.61 -14.42
C PHE B 74 19.53 10.63 -13.33
N GLU B 75 19.81 11.91 -13.59
CA GLU B 75 19.54 12.92 -12.59
C GLU B 75 18.06 13.00 -12.28
N ILE B 76 17.20 12.94 -13.29
CA ILE B 76 15.76 13.05 -13.06
C ILE B 76 15.30 11.89 -12.20
N ARG B 77 15.71 10.68 -12.55
CA ARG B 77 15.27 9.51 -11.82
C ARG B 77 15.91 9.45 -10.43
N LYS B 78 17.13 9.96 -10.28
CA LYS B 78 17.72 10.04 -8.95
C LYS B 78 16.90 10.94 -8.01
N GLN B 79 16.48 12.11 -8.49
CA GLN B 79 15.70 13.03 -7.67
C GLN B 79 14.36 12.40 -7.35
N LYS B 80 13.81 11.70 -8.33
CA LYS B 80 12.56 10.97 -8.17
C LYS B 80 12.67 10.03 -6.98
N TYR B 81 13.75 9.25 -6.98
CA TYR B 81 14.08 8.28 -5.94
C TYR B 81 14.27 8.91 -4.57
N LEU B 82 15.05 9.98 -4.50
CA LEU B 82 15.34 10.63 -3.23
C LEU B 82 14.07 11.19 -2.60
N GLU B 83 13.19 11.78 -3.41
CA GLU B 83 11.90 12.25 -2.93
C GLU B 83 11.07 11.14 -2.30
N ALA B 84 11.09 9.96 -2.91
CA ALA B 84 10.38 8.81 -2.37
C ALA B 84 10.92 8.40 -1.01
N LEU B 85 12.23 8.40 -0.87
CA LEU B 85 12.87 8.10 0.42
C LEU B 85 12.49 9.14 1.46
N ASP B 86 12.40 10.39 1.01
CA ASP B 86 12.23 11.52 1.90
C ASP B 86 10.82 11.54 2.50
N ARG B 87 9.87 10.97 1.76
CA ARG B 87 8.52 10.79 2.28
C ARG B 87 8.36 9.39 2.87
N HIS B 88 9.49 8.68 2.98
CA HIS B 88 9.54 7.37 3.62
C HIS B 88 8.61 6.36 2.95
N ASP B 89 8.45 6.48 1.64
CA ASP B 89 7.63 5.54 0.91
C ASP B 89 8.57 4.56 0.26
N ARG B 90 8.89 3.49 0.99
CA ARG B 90 9.97 2.61 0.59
C ARG B 90 9.46 1.65 -0.48
N ALA B 91 8.15 1.44 -0.49
CA ALA B 91 7.51 0.67 -1.56
C ALA B 91 7.71 1.37 -2.90
N LYS B 92 7.49 2.69 -2.93
CA LYS B 92 7.69 3.44 -4.16
C LYS B 92 9.17 3.56 -4.49
N ALA B 93 9.99 3.76 -3.46
CA ALA B 93 11.44 3.94 -3.63
C ALA B 93 12.08 2.75 -4.29
N VAL B 94 11.66 1.55 -3.90
CA VAL B 94 12.19 0.33 -4.49
C VAL B 94 11.64 0.14 -5.92
N ASP B 95 10.40 0.57 -6.15
CA ASP B 95 9.81 0.44 -7.49
C ASP B 95 10.59 1.28 -8.49
N ILE B 96 10.93 2.49 -8.06
CA ILE B 96 11.75 3.40 -8.87
C ILE B 96 13.12 2.80 -9.11
N LEU B 97 13.72 2.30 -8.05
CA LEU B 97 15.07 1.76 -8.11
C LEU B 97 15.18 0.62 -9.12
N VAL B 98 14.16 -0.24 -9.17
CA VAL B 98 14.18 -1.40 -10.06
C VAL B 98 13.74 -1.06 -11.50
N LYS B 99 12.67 -0.28 -11.65
CA LYS B 99 12.14 0.02 -12.99
C LYS B 99 12.91 1.10 -13.73
N ASP B 100 13.21 2.20 -13.04
CA ASP B 100 13.86 3.35 -13.65
C ASP B 100 15.38 3.40 -13.57
N LEU B 101 15.94 3.05 -12.42
CA LEU B 101 17.38 3.19 -12.20
C LEU B 101 18.23 1.96 -12.55
N LYS B 102 17.61 0.80 -12.76
CA LYS B 102 18.43 -0.41 -12.97
C LYS B 102 19.17 -0.35 -14.32
N VAL B 103 18.62 0.37 -15.28
CA VAL B 103 19.25 0.52 -16.60
C VAL B 103 20.67 1.11 -16.50
N PHE B 104 20.93 1.91 -15.46
CA PHE B 104 22.23 2.54 -15.32
C PHE B 104 23.24 1.63 -14.64
N SER B 105 22.78 0.49 -14.12
CA SER B 105 23.68 -0.44 -13.44
C SER B 105 24.70 -1.08 -14.37
N THR B 106 24.26 -1.49 -15.55
CA THR B 106 25.04 -2.36 -16.43
C THR B 106 26.41 -1.80 -16.59
N PHE B 107 26.41 -0.49 -16.78
CA PHE B 107 27.63 0.29 -16.93
C PHE B 107 28.09 0.97 -15.65
N ASN B 108 27.22 1.05 -14.64
CA ASN B 108 27.69 1.47 -13.32
C ASN B 108 27.27 0.44 -12.27
N GLU B 109 28.16 -0.48 -11.95
CA GLU B 109 27.77 -1.54 -11.03
C GLU B 109 27.84 -0.99 -9.63
N GLU B 110 28.90 -0.24 -9.38
CA GLU B 110 29.19 0.26 -8.05
C GLU B 110 28.23 1.36 -7.60
N LEU B 111 27.88 2.28 -8.50
CA LEU B 111 26.98 3.38 -8.14
C LEU B 111 25.59 2.86 -7.83
N TYR B 112 25.12 1.92 -8.63
CA TYR B 112 23.81 1.33 -8.41
C TYR B 112 23.71 0.64 -7.05
N LYS B 113 24.78 -0.04 -6.64
CA LYS B 113 24.85 -0.63 -5.31
C LYS B 113 24.76 0.46 -4.23
N GLU B 114 25.59 1.50 -4.37
CA GLU B 114 25.61 2.63 -3.43
C GLU B 114 24.26 3.29 -3.30
N ILE B 115 23.57 3.44 -4.42
CA ILE B 115 22.27 4.10 -4.43
C ILE B 115 21.22 3.19 -3.77
N THR B 116 21.33 1.89 -4.01
CA THR B 116 20.44 0.93 -3.39
C THR B 116 20.53 1.00 -1.87
N GLN B 117 21.75 1.09 -1.36
CA GLN B 117 21.99 1.07 0.07
C GLN B 117 21.45 2.29 0.80
N LEU B 118 21.01 3.30 0.05
CA LEU B 118 20.41 4.46 0.69
C LEU B 118 19.06 4.12 1.34
N LEU B 119 18.44 3.03 0.87
CA LEU B 119 17.19 2.55 1.45
C LEU B 119 17.29 2.22 2.92
N THR B 120 18.46 1.78 3.34
CA THR B 120 18.64 1.28 4.69
C THR B 120 19.06 2.35 5.69
N LEU B 121 19.29 3.58 5.22
CA LEU B 121 19.63 4.68 6.10
C LEU B 121 18.38 5.31 6.73
N GLU B 122 18.54 5.87 7.91
CA GLU B 122 17.44 6.60 8.53
C GLU B 122 17.13 7.80 7.66
N ASN B 123 18.18 8.47 7.20
CA ASN B 123 18.05 9.62 6.31
C ASN B 123 19.23 9.65 5.33
N PHE B 124 18.99 9.77 4.02
CA PHE B 124 20.09 9.67 3.06
C PHE B 124 21.11 10.80 3.22
N ARG B 125 20.77 11.81 4.01
CA ARG B 125 21.73 12.87 4.36
C ARG B 125 22.82 12.37 5.30
N GLU B 126 22.72 11.12 5.73
CA GLU B 126 23.79 10.47 6.46
C GLU B 126 24.93 10.12 5.53
N ASN B 127 24.62 9.96 4.24
CA ASN B 127 25.66 9.85 3.21
C ASN B 127 26.28 11.23 3.00
N GLU B 128 27.61 11.30 2.99
CA GLU B 128 28.31 12.59 2.94
C GLU B 128 28.11 13.32 1.63
N GLN B 129 27.99 12.56 0.53
CA GLN B 129 27.82 13.19 -0.77
C GLN B 129 26.44 13.86 -0.89
N LEU B 130 25.46 13.31 -0.19
CA LEU B 130 24.10 13.87 -0.17
C LEU B 130 23.78 14.71 1.07
N SER B 131 24.78 14.94 1.92
CA SER B 131 24.58 15.63 3.20
C SER B 131 24.08 17.06 3.04
N LYS B 132 24.14 17.57 1.81
CA LYS B 132 23.79 18.95 1.51
C LYS B 132 22.39 19.16 0.92
N TYR B 133 21.61 18.10 0.76
CA TYR B 133 20.33 18.20 0.05
C TYR B 133 19.21 18.58 1.06
N GLY B 134 18.82 19.85 1.02
CA GLY B 134 18.09 20.44 2.12
C GLY B 134 16.60 20.58 2.06
N ASP B 135 16.07 20.54 0.85
CA ASP B 135 14.66 20.85 0.61
C ASP B 135 14.31 20.10 -0.63
N THR B 136 13.05 19.78 -0.81
CA THR B 136 12.65 19.24 -2.10
C THR B 136 12.67 20.41 -3.06
N LYS B 137 12.13 21.54 -2.65
CA LYS B 137 12.08 22.71 -3.51
C LYS B 137 13.50 23.15 -3.94
N SER B 138 14.45 23.17 -3.00
CA SER B 138 15.80 23.66 -3.28
C SER B 138 16.58 22.69 -4.14
N ALA B 139 16.35 21.41 -3.89
CA ALA B 139 17.02 20.33 -4.60
C ALA B 139 16.67 20.31 -6.07
N ARG B 140 15.39 20.53 -6.33
CA ARG B 140 14.85 20.57 -7.67
C ARG B 140 15.52 21.69 -8.43
N SER B 141 15.68 22.82 -7.74
CA SER B 141 16.26 24.02 -8.31
C SER B 141 17.72 23.81 -8.69
N ILE B 142 18.47 23.18 -7.79
CA ILE B 142 19.89 22.91 -7.99
C ILE B 142 20.06 21.98 -9.16
N MET B 143 19.24 20.93 -9.17
CA MET B 143 19.25 19.95 -10.23
C MET B 143 18.87 20.55 -11.57
N LEU B 144 17.94 21.49 -11.53
CA LEU B 144 17.44 22.12 -12.75
C LEU B 144 18.56 22.91 -13.44
N ILE B 145 19.37 23.58 -12.65
CA ILE B 145 20.53 24.32 -13.12
C ILE B 145 21.45 23.38 -13.89
N GLU B 146 21.61 22.18 -13.36
CA GLU B 146 22.48 21.18 -13.95
C GLU B 146 21.94 20.65 -15.27
N LEU B 147 20.64 20.36 -15.29
CA LEU B 147 19.97 19.91 -16.50
C LEU B 147 20.04 20.95 -17.63
N LYS B 148 19.84 22.23 -17.29
CA LYS B 148 19.89 23.29 -18.32
C LYS B 148 21.23 23.26 -19.04
N LYS B 149 22.31 23.11 -18.28
CA LYS B 149 23.65 23.00 -18.82
C LYS B 149 23.77 21.76 -19.72
N LEU B 150 23.31 20.62 -19.21
CA LEU B 150 23.40 19.36 -19.94
C LEU B 150 22.62 19.40 -21.23
N ILE B 151 21.46 20.04 -21.18
CA ILE B 151 20.62 20.12 -22.37
C ILE B 151 21.24 21.05 -23.41
N GLU B 152 21.70 22.21 -22.98
CA GLU B 152 22.31 23.16 -23.90
C GLU B 152 23.57 22.60 -24.56
N ALA B 153 24.36 21.81 -23.82
CA ALA B 153 25.56 21.18 -24.38
C ALA B 153 25.27 19.88 -25.15
N ASN B 154 24.11 19.28 -24.93
CA ASN B 154 23.74 18.05 -25.64
C ASN B 154 23.63 18.33 -27.13
N PRO B 155 24.40 17.60 -27.95
CA PRO B 155 24.39 17.79 -29.41
C PRO B 155 23.05 17.54 -30.09
N LEU B 156 22.14 16.80 -29.46
CA LEU B 156 20.85 16.51 -30.07
C LEU B 156 19.85 17.65 -29.89
N PHE B 157 20.16 18.57 -28.98
CA PHE B 157 19.31 19.73 -28.70
C PHE B 157 19.84 21.04 -29.28
N ARG B 158 21.06 21.00 -29.82
CA ARG B 158 21.87 22.20 -30.03
C ARG B 158 21.26 23.27 -30.92
N GLU B 159 20.52 22.85 -31.95
CA GLU B 159 19.84 23.82 -32.80
C GLU B 159 18.34 24.01 -32.52
N LYS B 160 17.87 23.42 -31.43
CA LYS B 160 16.45 23.45 -31.05
C LYS B 160 16.01 24.38 -29.90
N LEU B 161 16.91 25.20 -29.35
CA LEU B 161 16.62 25.89 -28.07
C LEU B 161 16.10 27.31 -28.15
N VAL B 162 16.03 27.88 -29.34
CA VAL B 162 15.60 29.26 -29.43
C VAL B 162 14.43 29.34 -30.38
N PHE B 163 13.36 29.99 -29.94
CA PHE B 163 12.21 30.16 -30.79
C PHE B 163 12.58 31.21 -31.81
N PRO B 164 12.00 31.14 -33.02
CA PRO B 164 12.21 32.25 -33.95
C PRO B 164 11.54 33.45 -33.37
N THR B 165 11.66 34.56 -34.09
CA THR B 165 10.96 35.75 -33.72
C THR B 165 10.06 36.13 -34.88
N LEU B 166 8.82 36.48 -34.59
CA LEU B 166 7.84 36.72 -35.62
C LEU B 166 6.96 37.86 -35.18
N LYS B 167 6.37 38.61 -36.11
CA LYS B 167 5.27 39.46 -35.71
C LYS B 167 4.16 38.57 -35.18
N ALA B 168 3.37 39.13 -34.26
CA ALA B 168 2.24 38.41 -33.70
C ALA B 168 1.34 37.88 -34.81
N SER B 169 0.80 36.69 -34.60
CA SER B 169 -0.19 36.12 -35.51
C SER B 169 0.27 35.99 -36.97
N ARG B 170 1.50 35.51 -37.18
CA ARG B 170 2.04 35.37 -38.53
C ARG B 170 1.15 34.47 -39.38
N LEU B 171 0.64 33.40 -38.77
CA LEU B 171 -0.23 32.45 -39.49
C LEU B 171 -1.52 33.12 -39.94
N ARG B 172 -2.09 33.95 -39.08
CA ARG B 172 -3.29 34.66 -39.44
C ARG B 172 -3.02 35.62 -40.59
N THR B 173 -1.84 36.23 -40.59
CA THR B 173 -1.45 37.13 -41.68
C THR B 173 -1.28 36.39 -43.01
N LEU B 174 -0.62 35.24 -42.97
CA LEU B 174 -0.46 34.42 -44.17
C LEU B 174 -1.79 33.97 -44.74
N ILE B 175 -2.63 33.42 -43.88
CA ILE B 175 -3.99 33.01 -44.23
C ILE B 175 -4.72 34.13 -44.96
N ASN B 176 -4.58 35.33 -44.43
CA ASN B 176 -5.18 36.51 -45.02
C ASN B 176 -4.72 36.76 -46.46
N GLN B 177 -3.41 36.61 -46.68
CA GLN B 177 -2.82 36.75 -48.00
C GLN B 177 -3.40 35.74 -49.00
N SER B 178 -3.64 34.51 -48.55
CA SER B 178 -4.22 33.48 -49.41
C SER B 178 -5.62 33.88 -49.86
N LEU B 179 -6.33 34.61 -49.00
CA LEU B 179 -7.65 35.09 -49.32
C LEU B 179 -7.56 36.23 -50.33
N ASN B 180 -6.53 37.06 -50.17
CA ASN B 180 -6.27 38.14 -51.11
C ASN B 180 -5.90 37.61 -52.48
N TRP B 181 -5.12 36.53 -52.52
CA TRP B 181 -4.72 35.97 -53.81
C TRP B 181 -5.91 35.30 -54.50
N GLN B 182 -6.83 34.74 -53.73
CA GLN B 182 -8.00 34.06 -54.29
C GLN B 182 -8.93 35.08 -54.92
N HIS B 183 -9.19 36.16 -54.20
CA HIS B 183 -10.15 37.16 -54.63
C HIS B 183 -9.64 38.15 -55.67
N GLN B 184 -8.33 38.20 -55.85
CA GLN B 184 -7.75 39.06 -56.86
C GLN B 184 -7.82 38.39 -58.24
N LEU B 185 -8.15 37.10 -58.23
CA LEU B 185 -8.46 36.39 -59.47
C LEU B 185 -9.93 36.56 -59.87
N CYS B 186 -10.72 37.19 -59.00
CA CYS B 186 -12.14 37.46 -59.30
C CYS B 186 -12.38 38.50 -60.39
N LYS B 187 -13.42 38.26 -61.18
CA LYS B 187 -13.92 39.19 -62.20
C LYS B 187 -15.24 39.85 -61.77
N ASN B 188 -15.67 39.61 -60.54
CA ASN B 188 -16.82 40.33 -60.00
C ASN B 188 -16.42 41.01 -58.68
N PRO B 189 -15.25 41.71 -58.65
CA PRO B 189 -14.88 42.17 -57.31
C PRO B 189 -14.95 43.69 -57.18
N PRO B 193 -20.64 40.19 -53.17
CA PRO B 193 -20.01 39.51 -52.04
C PRO B 193 -20.29 38.01 -51.98
N ASP B 194 -19.65 37.22 -51.11
CA ASP B 194 -18.41 37.49 -50.36
C ASP B 194 -17.71 36.15 -50.05
N ILE B 195 -16.68 36.18 -49.20
CA ILE B 195 -15.90 34.96 -48.91
C ILE B 195 -16.35 34.21 -47.65
N LYS B 196 -16.87 33.00 -47.89
CA LYS B 196 -17.46 32.15 -46.88
C LYS B 196 -16.44 31.48 -45.96
N THR B 197 -15.65 30.58 -46.53
CA THR B 197 -14.71 29.80 -45.74
C THR B 197 -13.32 29.52 -46.35
N LEU B 198 -12.46 28.90 -45.55
CA LEU B 198 -11.12 28.52 -45.98
C LEU B 198 -11.05 27.10 -46.52
N PHE B 199 -12.16 26.37 -46.50
CA PHE B 199 -12.13 24.95 -46.87
C PHE B 199 -12.01 24.79 -48.38
N THR B 200 -12.61 25.71 -49.11
CA THR B 200 -12.44 25.74 -50.56
C THR B 200 -12.23 27.19 -50.97
N ASP B 201 -11.64 27.39 -52.15
CA ASP B 201 -11.24 28.71 -52.56
C ASP B 201 -12.46 29.57 -52.82
N HIS B 202 -12.33 30.84 -52.49
CA HIS B 202 -13.39 31.81 -52.66
C HIS B 202 -13.47 32.28 -54.10
N THR B 203 -14.68 32.60 -54.54
CA THR B 203 -14.94 33.14 -55.89
C THR B 203 -16.03 34.19 -55.72
N CYS B 204 -16.30 35.02 -56.72
CA CYS B 204 -17.41 35.92 -56.49
C CYS B 204 -18.83 35.46 -56.78
N THR B 205 -19.08 34.86 -57.96
CA THR B 205 -20.40 34.37 -58.32
C THR B 205 -21.58 35.26 -57.92
N MET C 1 -12.22 -31.57 34.88
CA MET C 1 -11.32 -31.12 35.93
C MET C 1 -11.97 -31.30 37.31
N SER C 2 -11.17 -31.67 38.31
CA SER C 2 -11.68 -31.73 39.68
C SER C 2 -11.74 -30.32 40.23
N SER C 3 -12.28 -30.16 41.43
CA SER C 3 -12.22 -28.85 42.09
C SER C 3 -10.86 -28.69 42.76
N LEU C 4 -10.19 -29.81 43.00
CA LEU C 4 -8.80 -29.80 43.48
C LEU C 4 -7.96 -29.12 42.41
N SER C 5 -7.97 -29.71 41.22
CA SER C 5 -7.23 -29.20 40.09
C SER C 5 -7.56 -27.75 39.76
N ARG C 6 -8.85 -27.42 39.83
CA ARG C 6 -9.30 -26.07 39.60
C ARG C 6 -8.68 -25.13 40.64
N GLU C 7 -8.71 -25.55 41.90
CA GLU C 7 -8.12 -24.76 42.97
C GLU C 7 -6.61 -24.63 42.83
N LEU C 8 -5.98 -25.70 42.34
CA LEU C 8 -4.54 -25.72 42.16
C LEU C 8 -4.11 -24.70 41.09
N VAL C 9 -4.94 -24.53 40.08
CA VAL C 9 -4.69 -23.56 39.03
C VAL C 9 -4.62 -22.15 39.63
N PHE C 10 -5.52 -21.87 40.57
CA PHE C 10 -5.56 -20.58 41.23
C PHE C 10 -4.31 -20.30 42.06
N LEU C 11 -3.88 -21.30 42.82
CA LEU C 11 -2.63 -21.18 43.54
C LEU C 11 -1.50 -20.87 42.59
N ILE C 12 -1.44 -21.61 41.50
CA ILE C 12 -0.42 -21.41 40.50
C ILE C 12 -0.50 -19.99 39.94
N LEU C 13 -1.71 -19.51 39.68
CA LEU C 13 -1.90 -18.15 39.19
C LEU C 13 -1.29 -17.13 40.14
N GLN C 14 -1.52 -17.32 41.42
CA GLN C 14 -0.97 -16.43 42.44
C GLN C 14 0.56 -16.49 42.43
N PHE C 15 1.09 -17.70 42.37
CA PHE C 15 2.53 -17.90 42.36
C PHE C 15 3.18 -17.16 41.19
N LEU C 16 2.68 -17.43 39.99
CA LEU C 16 3.19 -16.83 38.76
C LEU C 16 3.18 -15.31 38.79
N ASP C 17 2.12 -14.75 39.36
CA ASP C 17 2.01 -13.31 39.47
C ASP C 17 3.06 -12.75 40.43
N GLU C 18 3.28 -13.44 41.55
CA GLU C 18 4.27 -13.00 42.54
C GLU C 18 5.68 -13.06 41.98
N GLU C 19 5.94 -14.04 41.13
CA GLU C 19 7.27 -14.24 40.56
C GLU C 19 7.42 -13.40 39.29
N LYS C 20 6.39 -12.60 39.05
CA LYS C 20 6.35 -11.61 37.97
C LYS C 20 6.39 -12.21 36.58
N PHE C 21 5.85 -13.41 36.41
CA PHE C 21 5.75 -13.91 35.05
C PHE C 21 4.40 -13.45 34.53
N LYS C 22 4.39 -12.27 33.90
CA LYS C 22 3.12 -11.60 33.58
C LYS C 22 2.39 -12.27 32.43
N GLU C 23 3.12 -12.59 31.36
CA GLU C 23 2.47 -13.17 30.19
C GLU C 23 2.00 -14.60 30.43
N THR C 24 2.69 -15.33 31.30
CA THR C 24 2.27 -16.69 31.64
C THR C 24 0.99 -16.66 32.46
N VAL C 25 0.82 -15.64 33.28
CA VAL C 25 -0.37 -15.53 34.10
C VAL C 25 -1.61 -15.44 33.22
N HIS C 26 -1.56 -14.60 32.20
CA HIS C 26 -2.75 -14.37 31.40
C HIS C 26 -2.96 -15.49 30.39
N LYS C 27 -1.89 -16.16 29.96
CA LYS C 27 -2.08 -17.34 29.12
C LYS C 27 -2.77 -18.41 29.93
N LEU C 28 -2.43 -18.50 31.21
CA LEU C 28 -3.03 -19.51 32.08
C LEU C 28 -4.49 -19.24 32.34
N GLU C 29 -4.81 -17.97 32.63
CA GLU C 29 -6.18 -17.52 32.82
C GLU C 29 -7.01 -17.92 31.61
N GLN C 30 -6.46 -17.62 30.46
CA GLN C 30 -7.12 -17.84 29.19
C GLN C 30 -7.33 -19.32 28.90
N GLU C 31 -6.28 -20.11 29.04
CA GLU C 31 -6.37 -21.52 28.67
C GLU C 31 -7.15 -22.36 29.67
N SER C 32 -7.06 -22.03 30.95
CA SER C 32 -7.84 -22.73 31.96
C SER C 32 -9.29 -22.26 31.91
N GLY C 33 -9.48 -21.01 31.51
CA GLY C 33 -10.79 -20.40 31.50
C GLY C 33 -11.43 -20.26 32.86
N PHE C 34 -10.63 -20.37 33.93
CA PHE C 34 -11.15 -20.32 35.28
C PHE C 34 -11.36 -18.93 35.86
N PHE C 35 -10.52 -17.99 35.44
CA PHE C 35 -10.61 -16.63 35.95
C PHE C 35 -10.42 -15.63 34.84
N PHE C 36 -11.39 -14.73 34.70
CA PHE C 36 -11.33 -13.65 33.73
C PHE C 36 -10.86 -12.39 34.42
N ASN C 37 -9.75 -11.84 33.96
CA ASN C 37 -9.07 -10.74 34.66
C ASN C 37 -9.48 -9.40 34.04
N MET C 38 -10.41 -8.70 34.69
CA MET C 38 -10.95 -7.44 34.17
C MET C 38 -9.88 -6.37 33.98
N LYS C 39 -9.09 -6.15 35.03
CA LYS C 39 -8.00 -5.21 35.01
C LYS C 39 -7.13 -5.39 33.76
N TYR C 40 -6.75 -6.63 33.49
CA TYR C 40 -5.96 -6.96 32.32
C TYR C 40 -6.74 -6.65 31.04
N PHE C 41 -8.00 -7.07 31.01
CA PHE C 41 -8.85 -6.81 29.86
C PHE C 41 -8.95 -5.32 29.51
N GLU C 42 -9.19 -4.50 30.52
CA GLU C 42 -9.28 -3.05 30.34
C GLU C 42 -8.00 -2.48 29.75
N GLU C 43 -6.88 -2.86 30.36
CA GLU C 43 -5.55 -2.43 29.93
C GLU C 43 -5.34 -2.73 28.44
N LYS C 44 -5.73 -3.91 28.01
CA LYS C 44 -5.54 -4.29 26.61
C LYS C 44 -6.50 -3.56 25.68
N VAL C 45 -7.72 -3.31 26.13
CA VAL C 45 -8.69 -2.58 25.29
C VAL C 45 -8.21 -1.16 25.05
N HIS C 46 -7.80 -0.46 26.12
CA HIS C 46 -7.25 0.90 26.04
C HIS C 46 -6.02 0.99 25.11
N ALA C 47 -5.15 -0.01 25.16
CA ALA C 47 -3.97 -0.03 24.30
C ALA C 47 -4.35 -0.38 22.85
N GLY C 48 -5.60 -0.74 22.65
CA GLY C 48 -6.07 -1.18 21.34
C GLY C 48 -5.44 -2.46 20.84
N GLU C 49 -5.05 -3.37 21.72
CA GLU C 49 -4.38 -4.54 21.20
C GLU C 49 -5.46 -5.53 20.86
N TRP C 50 -5.95 -5.47 19.64
CA TRP C 50 -7.19 -6.13 19.34
C TRP C 50 -7.02 -7.63 19.17
N ASP C 51 -5.89 -8.07 18.62
CA ASP C 51 -5.67 -9.50 18.49
C ASP C 51 -5.57 -10.18 19.86
N GLU C 52 -4.90 -9.53 20.80
CA GLU C 52 -4.74 -10.12 22.12
C GLU C 52 -6.06 -10.13 22.89
N VAL C 53 -6.84 -9.05 22.78
CA VAL C 53 -8.17 -9.00 23.38
C VAL C 53 -9.02 -10.20 22.95
N GLU C 54 -9.14 -10.40 21.64
CA GLU C 54 -9.99 -11.48 21.13
C GLU C 54 -9.43 -12.85 21.51
N LYS C 55 -8.11 -12.96 21.58
CA LYS C 55 -7.47 -14.22 21.96
C LYS C 55 -7.73 -14.54 23.43
N TYR C 56 -7.63 -13.52 24.29
CA TYR C 56 -7.92 -13.70 25.71
C TYR C 56 -9.38 -14.12 25.91
N LEU C 57 -10.27 -13.39 25.26
CA LEU C 57 -11.69 -13.70 25.29
C LEU C 57 -11.99 -15.12 24.81
N SER C 58 -11.23 -15.56 23.81
CA SER C 58 -11.49 -16.85 23.17
C SER C 58 -11.36 -18.02 24.12
N GLY C 59 -10.64 -17.84 25.23
CA GLY C 59 -10.56 -18.88 26.23
C GLY C 59 -11.85 -18.98 27.04
N PHE C 60 -12.68 -17.94 26.98
CA PHE C 60 -13.90 -17.96 27.78
C PHE C 60 -15.21 -18.09 27.02
N THR C 61 -15.21 -17.64 25.78
CA THR C 61 -16.39 -17.74 24.94
C THR C 61 -15.99 -17.59 23.49
N LYS C 62 -16.78 -18.16 22.58
CA LYS C 62 -16.56 -17.95 21.16
C LYS C 62 -17.58 -16.91 20.70
N VAL C 63 -17.47 -16.47 19.45
CA VAL C 63 -18.26 -15.33 19.00
C VAL C 63 -19.77 -15.60 18.99
N ASP C 64 -20.18 -16.81 18.61
CA ASP C 64 -21.60 -17.16 18.46
C ASP C 64 -22.22 -17.96 19.63
N ASP C 65 -21.55 -18.02 20.77
CA ASP C 65 -22.02 -18.77 21.95
C ASP C 65 -23.35 -18.30 22.51
N ASN C 66 -23.54 -16.99 22.56
CA ASN C 66 -24.79 -16.39 23.07
C ASN C 66 -24.91 -14.94 22.65
N ARG C 67 -26.09 -14.34 22.82
CA ARG C 67 -26.24 -12.94 22.35
C ARG C 67 -25.35 -11.92 23.06
N TYR C 68 -24.95 -12.23 24.28
CA TYR C 68 -24.04 -11.35 25.00
C TYR C 68 -22.64 -11.40 24.38
N SER C 69 -22.09 -12.60 24.25
CA SER C 69 -20.74 -12.74 23.72
C SER C 69 -20.71 -12.37 22.24
N MET C 70 -21.87 -12.42 21.59
CA MET C 70 -21.95 -11.99 20.20
C MET C 70 -21.84 -10.46 20.09
N LYS C 71 -22.49 -9.72 20.99
CA LYS C 71 -22.39 -8.26 20.99
C LYS C 71 -21.00 -7.80 21.44
N ILE C 72 -20.34 -8.59 22.30
CA ILE C 72 -19.00 -8.24 22.76
C ILE C 72 -18.02 -8.18 21.60
N PHE C 73 -17.99 -9.23 20.80
CA PHE C 73 -17.11 -9.29 19.64
C PHE C 73 -17.49 -8.26 18.59
N PHE C 74 -18.79 -8.11 18.36
CA PHE C 74 -19.26 -7.10 17.42
C PHE C 74 -18.77 -5.74 17.84
N GLU C 75 -18.92 -5.41 19.12
CA GLU C 75 -18.47 -4.10 19.56
C GLU C 75 -16.98 -3.94 19.31
N ILE C 76 -16.19 -4.97 19.60
CA ILE C 76 -14.74 -4.86 19.43
C ILE C 76 -14.36 -4.64 17.97
N ARG C 77 -14.97 -5.42 17.09
CA ARG C 77 -14.64 -5.32 15.68
C ARG C 77 -15.16 -4.02 15.07
N LYS C 78 -16.28 -3.51 15.56
CA LYS C 78 -16.75 -2.19 15.15
C LYS C 78 -15.76 -1.11 15.50
N GLN C 79 -15.20 -1.13 16.71
CA GLN C 79 -14.22 -0.11 17.06
C GLN C 79 -12.93 -0.26 16.22
N LYS C 80 -12.51 -1.50 15.98
CA LYS C 80 -11.37 -1.78 15.13
C LYS C 80 -11.54 -1.10 13.77
N TYR C 81 -12.71 -1.31 13.19
CA TYR C 81 -13.11 -0.73 11.90
C TYR C 81 -13.12 0.80 11.91
N LEU C 82 -13.76 1.40 12.92
CA LEU C 82 -13.81 2.86 12.98
C LEU C 82 -12.42 3.49 13.12
N GLU C 83 -11.55 2.89 13.92
CA GLU C 83 -10.18 3.38 14.01
C GLU C 83 -9.50 3.35 12.65
N ALA C 84 -9.75 2.30 11.86
CA ALA C 84 -9.18 2.19 10.52
C ALA C 84 -9.64 3.31 9.61
N LEU C 85 -10.95 3.60 9.64
CA LEU C 85 -11.50 4.72 8.88
C LEU C 85 -10.92 6.03 9.36
N ASP C 86 -10.68 6.14 10.66
CA ASP C 86 -10.30 7.41 11.26
C ASP C 86 -8.87 7.82 10.90
N ARG C 87 -7.99 6.86 10.66
CA ARG C 87 -6.65 7.18 10.13
C ARG C 87 -6.66 7.02 8.62
N HIS C 88 -7.86 6.87 8.05
CA HIS C 88 -8.02 6.84 6.60
C HIS C 88 -7.29 5.69 5.94
N ASP C 89 -7.24 4.55 6.63
CA ASP C 89 -6.63 3.39 6.02
C ASP C 89 -7.77 2.57 5.49
N ARG C 90 -8.13 2.82 4.23
CA ARG C 90 -9.34 2.26 3.66
C ARG C 90 -9.06 0.85 3.20
N ALA C 91 -7.80 0.56 2.97
CA ALA C 91 -7.36 -0.80 2.73
C ALA C 91 -7.64 -1.67 3.95
N LYS C 92 -7.28 -1.20 5.14
CA LYS C 92 -7.53 -1.96 6.37
C LYS C 92 -9.01 -2.03 6.70
N ALA C 93 -9.70 -0.91 6.50
CA ALA C 93 -11.11 -0.82 6.83
C ALA C 93 -11.96 -1.83 6.08
N VAL C 94 -11.68 -1.98 4.78
CA VAL C 94 -12.42 -2.93 3.97
C VAL C 94 -12.08 -4.36 4.38
N ASP C 95 -10.83 -4.58 4.76
CA ASP C 95 -10.38 -5.91 5.15
C ASP C 95 -11.10 -6.35 6.42
N ILE C 96 -11.18 -5.44 7.39
CA ILE C 96 -11.90 -5.69 8.63
C ILE C 96 -13.37 -5.95 8.34
N LEU C 97 -13.93 -5.12 7.47
CA LEU C 97 -15.34 -5.22 7.10
C LEU C 97 -15.71 -6.60 6.55
N VAL C 98 -14.83 -7.16 5.72
CA VAL C 98 -15.09 -8.44 5.08
C VAL C 98 -14.74 -9.61 5.97
N LYS C 99 -13.59 -9.55 6.65
CA LYS C 99 -13.12 -10.65 7.48
C LYS C 99 -13.79 -10.75 8.85
N ASP C 100 -13.84 -9.63 9.54
CA ASP C 100 -14.34 -9.56 10.91
C ASP C 100 -15.81 -9.27 11.08
N LEU C 101 -16.36 -8.36 10.29
CA LEU C 101 -17.73 -7.95 10.50
C LEU C 101 -18.77 -8.73 9.70
N LYS C 102 -18.37 -9.48 8.68
CA LYS C 102 -19.36 -10.10 7.79
C LYS C 102 -20.20 -11.17 8.48
N VAL C 103 -19.65 -11.83 9.49
CA VAL C 103 -20.39 -12.84 10.23
C VAL C 103 -21.68 -12.27 10.84
N PHE C 104 -21.70 -10.97 11.14
CA PHE C 104 -22.85 -10.35 11.79
C PHE C 104 -23.91 -9.94 10.75
N SER C 105 -23.55 -10.06 9.48
CA SER C 105 -24.42 -9.74 8.33
C SER C 105 -25.56 -10.71 8.16
N THR C 106 -25.26 -11.98 8.44
CA THR C 106 -26.16 -13.09 8.19
C THR C 106 -27.49 -12.83 8.83
N PHE C 107 -27.43 -12.43 10.09
CA PHE C 107 -28.64 -12.06 10.80
C PHE C 107 -28.90 -10.57 10.98
N ASN C 108 -27.93 -9.71 10.69
CA ASN C 108 -28.27 -8.29 10.62
C ASN C 108 -27.91 -7.81 9.24
N GLU C 109 -28.88 -7.86 8.31
CA GLU C 109 -28.59 -7.58 6.92
C GLU C 109 -28.45 -6.10 6.69
N GLU C 110 -29.38 -5.37 7.26
CA GLU C 110 -29.46 -3.95 7.03
C GLU C 110 -28.31 -3.24 7.72
N LEU C 111 -28.00 -3.67 8.94
CA LEU C 111 -26.94 -3.03 9.73
C LEU C 111 -25.59 -3.18 9.07
N TYR C 112 -25.34 -4.34 8.49
CA TYR C 112 -24.10 -4.58 7.76
C TYR C 112 -23.97 -3.64 6.56
N LYS C 113 -25.07 -3.39 5.87
CA LYS C 113 -25.08 -2.40 4.80
C LYS C 113 -24.78 -1.00 5.34
N GLU C 114 -25.47 -0.61 6.40
CA GLU C 114 -25.28 0.71 7.01
C GLU C 114 -23.82 0.91 7.43
N ILE C 115 -23.19 -0.13 7.97
CA ILE C 115 -21.80 -0.04 8.43
C ILE C 115 -20.87 0.04 7.21
N THR C 116 -21.21 -0.73 6.17
CA THR C 116 -20.47 -0.72 4.92
C THR C 116 -20.42 0.68 4.32
N GLN C 117 -21.56 1.36 4.34
CA GLN C 117 -21.70 2.67 3.72
C GLN C 117 -20.87 3.76 4.39
N LEU C 118 -20.28 3.49 5.55
CA LEU C 118 -19.44 4.48 6.22
C LEU C 118 -18.14 4.67 5.43
N LEU C 119 -17.82 3.68 4.59
CA LEU C 119 -16.65 3.76 3.71
C LEU C 119 -16.72 4.96 2.77
N THR C 120 -17.93 5.36 2.40
CA THR C 120 -18.13 6.43 1.42
C THR C 120 -18.23 7.83 2.02
N LEU C 121 -18.20 7.92 3.35
CA LEU C 121 -18.25 9.22 4.02
C LEU C 121 -16.90 9.92 4.06
N GLU C 122 -16.91 11.26 4.08
CA GLU C 122 -15.68 11.99 4.32
C GLU C 122 -15.23 11.78 5.77
N ASN C 123 -16.21 11.80 6.68
CA ASN C 123 -15.99 11.55 8.11
C ASN C 123 -17.19 10.75 8.64
N PHE C 124 -16.96 9.60 9.30
CA PHE C 124 -18.09 8.73 9.68
C PHE C 124 -19.00 9.38 10.71
N ARG C 125 -18.54 10.48 11.28
CA ARG C 125 -19.33 11.30 12.19
C ARG C 125 -20.41 12.10 11.46
N GLU C 126 -20.44 11.99 10.15
CA GLU C 126 -21.55 12.55 9.38
C GLU C 126 -22.79 11.72 9.65
N ASN C 127 -22.58 10.45 9.99
CA ASN C 127 -23.67 9.59 10.45
C ASN C 127 -24.09 10.04 11.85
N GLU C 128 -25.37 10.28 12.05
CA GLU C 128 -25.81 10.86 13.33
C GLU C 128 -25.64 9.91 14.50
N GLN C 129 -25.72 8.60 14.27
CA GLN C 129 -25.53 7.67 15.38
C GLN C 129 -24.06 7.66 15.85
N LEU C 130 -23.13 7.96 14.94
CA LEU C 130 -21.72 8.05 15.29
C LEU C 130 -21.21 9.47 15.52
N SER C 131 -22.11 10.44 15.46
CA SER C 131 -21.76 11.86 15.60
C SER C 131 -21.19 12.23 16.98
N LYS C 132 -21.38 11.32 17.93
CA LYS C 132 -21.04 11.49 19.35
C LYS C 132 -19.67 10.88 19.67
N TYR C 133 -18.96 10.49 18.62
CA TYR C 133 -17.67 9.81 18.75
C TYR C 133 -16.43 10.78 18.82
N GLY C 134 -15.74 10.91 19.95
CA GLY C 134 -14.82 12.04 20.09
C GLY C 134 -13.33 11.99 19.77
N ASP C 135 -12.71 10.81 19.83
CA ASP C 135 -11.27 10.62 19.61
C ASP C 135 -11.08 9.13 19.86
N THR C 136 -9.90 8.61 19.58
CA THR C 136 -9.70 7.20 19.89
C THR C 136 -9.74 6.90 21.37
N LYS C 137 -8.99 7.67 22.15
CA LYS C 137 -8.86 7.41 23.57
C LYS C 137 -10.23 7.41 24.25
N SER C 138 -11.08 8.36 23.87
CA SER C 138 -12.39 8.49 24.48
C SER C 138 -13.35 7.40 24.02
N ALA C 139 -13.28 7.08 22.73
CA ALA C 139 -14.16 6.07 22.16
C ALA C 139 -13.91 4.72 22.78
N ARG C 140 -12.63 4.41 22.97
CA ARG C 140 -12.24 3.15 23.60
C ARG C 140 -12.77 3.06 25.01
N SER C 141 -12.70 4.18 25.74
CA SER C 141 -13.18 4.22 27.12
C SER C 141 -14.68 3.98 27.14
N ILE C 142 -15.40 4.65 26.25
CA ILE C 142 -16.86 4.55 26.18
C ILE C 142 -17.25 3.12 25.92
N MET C 143 -16.60 2.55 24.93
CA MET C 143 -16.85 1.17 24.56
C MET C 143 -16.54 0.20 25.69
N LEU C 144 -15.48 0.49 26.44
CA LEU C 144 -15.02 -0.38 27.50
C LEU C 144 -16.08 -0.50 28.59
N ILE C 145 -16.71 0.62 28.89
CA ILE C 145 -17.80 0.66 29.84
C ILE C 145 -18.90 -0.33 29.41
N GLU C 146 -19.20 -0.31 28.11
CA GLU C 146 -20.25 -1.17 27.54
C GLU C 146 -19.87 -2.64 27.58
N LEU C 147 -18.61 -2.92 27.27
CA LEU C 147 -18.08 -4.28 27.33
C LEU C 147 -18.11 -4.87 28.73
N LYS C 148 -17.70 -4.07 29.71
CA LYS C 148 -17.68 -4.55 31.09
C LYS C 148 -19.07 -5.03 31.49
N LYS C 149 -20.08 -4.25 31.15
CA LYS C 149 -21.46 -4.61 31.43
C LYS C 149 -21.83 -5.92 30.72
N LEU C 150 -21.49 -6.04 29.45
CA LEU C 150 -21.84 -7.23 28.66
C LEU C 150 -21.20 -8.47 29.22
N ILE C 151 -19.96 -8.35 29.69
CA ILE C 151 -19.24 -9.49 30.25
C ILE C 151 -19.84 -9.87 31.61
N GLU C 152 -20.06 -8.87 32.46
CA GLU C 152 -20.65 -9.11 33.77
C GLU C 152 -22.03 -9.73 33.64
N ALA C 153 -22.77 -9.39 32.59
CA ALA C 153 -24.07 -10.02 32.37
C ALA C 153 -23.98 -11.39 31.69
N ASN C 154 -22.88 -11.69 31.03
CA ASN C 154 -22.75 -12.95 30.32
C ASN C 154 -22.74 -14.16 31.26
N PRO C 155 -23.68 -15.10 31.05
CA PRO C 155 -23.79 -16.32 31.87
C PRO C 155 -22.53 -17.22 31.83
N LEU C 156 -21.68 -17.06 30.82
CA LEU C 156 -20.46 -17.87 30.71
C LEU C 156 -19.32 -17.32 31.57
N PHE C 157 -19.50 -16.10 32.08
CA PHE C 157 -18.53 -15.44 32.93
C PHE C 157 -18.95 -15.48 34.40
N ARG C 158 -20.11 -16.08 34.64
CA ARG C 158 -20.85 -15.95 35.89
C ARG C 158 -20.10 -16.33 37.16
N GLU C 159 -19.32 -17.41 37.09
CA GLU C 159 -18.51 -17.79 38.24
C GLU C 159 -17.03 -17.40 38.11
N LYS C 160 -16.71 -16.65 37.07
CA LYS C 160 -15.31 -16.34 36.75
C LYS C 160 -14.73 -14.92 37.03
N LEU C 161 -15.48 -14.00 37.65
CA LEU C 161 -15.03 -12.61 37.74
C LEU C 161 -14.35 -12.21 39.05
N VAL C 162 -14.27 -13.15 39.99
CA VAL C 162 -13.73 -12.86 41.31
C VAL C 162 -12.60 -13.79 41.66
N PHE C 163 -11.42 -13.23 41.92
CA PHE C 163 -10.31 -14.05 42.35
C PHE C 163 -10.63 -14.43 43.78
N PRO C 164 -10.20 -15.63 44.18
CA PRO C 164 -10.29 -15.93 45.61
C PRO C 164 -9.31 -14.99 46.29
N THR C 165 -9.27 -14.99 47.61
CA THR C 165 -8.29 -14.17 48.28
C THR C 165 -7.54 -15.14 49.14
N LEU C 166 -6.23 -15.01 49.20
CA LEU C 166 -5.39 -16.00 49.85
C LEU C 166 -4.28 -15.27 50.59
N LYS C 167 -3.73 -15.89 51.62
CA LYS C 167 -2.48 -15.39 52.14
C LYS C 167 -1.48 -15.51 51.01
N ALA C 168 -0.54 -14.58 50.94
CA ALA C 168 0.46 -14.59 49.87
C ALA C 168 1.20 -15.91 49.82
N SER C 169 1.55 -16.33 48.61
CA SER C 169 2.37 -17.51 48.39
C SER C 169 1.80 -18.78 49.01
N ARG C 170 0.50 -19.00 48.85
CA ARG C 170 -0.14 -20.20 49.40
C ARG C 170 0.53 -21.44 48.84
N LEU C 171 0.88 -21.41 47.56
CA LEU C 171 1.54 -22.56 46.94
C LEU C 171 2.87 -22.88 47.62
N ARG C 172 3.66 -21.85 47.92
CA ARG C 172 4.93 -22.06 48.60
C ARG C 172 4.71 -22.63 50.00
N THR C 173 3.63 -22.17 50.64
CA THR C 173 3.27 -22.66 51.96
C THR C 173 2.92 -24.14 51.96
N LEU C 174 2.13 -24.56 50.98
CA LEU C 174 1.77 -25.96 50.83
C LEU C 174 3.01 -26.80 50.56
N ILE C 175 3.82 -26.37 49.60
CA ILE C 175 5.09 -27.04 49.30
C ILE C 175 5.94 -27.25 50.54
N ASN C 176 6.02 -26.22 51.38
CA ASN C 176 6.78 -26.32 52.61
C ASN C 176 6.29 -27.44 53.52
N GLN C 177 4.97 -27.55 53.63
CA GLN C 177 4.34 -28.62 54.42
C GLN C 177 4.72 -30.00 53.89
N SER C 178 4.79 -30.16 52.57
CA SER C 178 5.18 -31.45 51.99
C SER C 178 6.60 -31.81 52.40
N LEU C 179 7.44 -30.79 52.56
CA LEU C 179 8.81 -31.04 53.00
C LEU C 179 8.72 -31.40 54.47
N ASN C 180 7.81 -30.75 55.20
CA ASN C 180 7.63 -31.12 56.59
C ASN C 180 7.18 -32.55 56.70
N TRP C 181 6.29 -32.99 55.82
CA TRP C 181 5.82 -34.36 55.90
C TRP C 181 6.88 -35.36 55.43
N GLN C 182 7.63 -34.99 54.40
CA GLN C 182 8.76 -35.77 53.88
C GLN C 182 10.04 -35.62 54.66
N HIS C 183 10.47 -34.36 54.74
CA HIS C 183 11.76 -33.98 55.33
C HIS C 183 11.56 -34.09 56.85
N GLN C 184 10.36 -34.44 57.29
CA GLN C 184 10.24 -34.93 58.66
C GLN C 184 10.62 -36.38 58.67
N LEU C 185 10.37 -37.04 59.80
CA LEU C 185 10.67 -38.44 59.94
C LEU C 185 12.14 -38.57 59.60
N CYS C 186 12.40 -39.25 58.49
CA CYS C 186 13.75 -39.53 58.00
C CYS C 186 14.80 -38.40 57.85
N LYS C 187 14.48 -37.20 57.35
CA LYS C 187 15.51 -36.14 57.33
C LYS C 187 15.18 -34.66 57.60
N ASN C 188 15.53 -34.11 58.77
CA ASN C 188 15.20 -32.71 59.06
C ASN C 188 16.25 -31.69 59.58
N PRO C 189 16.27 -30.46 59.04
CA PRO C 189 15.66 -30.01 57.80
C PRO C 189 16.67 -29.78 56.68
N ILE C 195 21.14 -28.17 50.35
CA ILE C 195 20.02 -28.11 49.42
C ILE C 195 19.70 -29.46 48.77
N LYS C 196 18.42 -29.81 48.81
CA LYS C 196 17.92 -31.01 48.14
C LYS C 196 16.67 -30.66 47.34
N THR C 197 16.20 -31.60 46.53
CA THR C 197 15.11 -31.32 45.60
C THR C 197 13.67 -31.51 46.02
N LEU C 198 12.79 -30.99 45.16
CA LEU C 198 11.36 -31.22 45.19
C LEU C 198 10.99 -32.33 44.21
N PHE C 199 12.00 -32.86 43.53
CA PHE C 199 11.80 -33.81 42.43
C PHE C 199 11.48 -35.22 42.91
N THR C 200 12.04 -35.57 44.05
CA THR C 200 11.86 -36.85 44.71
C THR C 200 11.62 -36.54 46.18
N ASP C 201 11.22 -37.55 46.94
CA ASP C 201 10.96 -37.34 48.36
C ASP C 201 12.25 -37.23 49.18
N HIS C 202 12.18 -36.47 50.26
CA HIS C 202 13.31 -36.27 51.14
C HIS C 202 13.47 -37.41 52.15
N THR C 203 14.66 -37.99 52.20
CA THR C 203 14.89 -39.12 53.07
C THR C 203 16.27 -39.08 53.70
N MET D 1 16.68 -16.51 42.26
CA MET D 1 15.82 -17.66 42.51
C MET D 1 16.56 -18.72 43.33
N SER D 2 15.85 -19.37 44.26
CA SER D 2 16.44 -20.50 44.96
C SER D 2 16.36 -21.68 44.01
N SER D 3 16.93 -22.81 44.39
CA SER D 3 16.77 -24.02 43.58
C SER D 3 15.43 -24.68 43.89
N LEU D 4 14.89 -24.33 45.05
CA LEU D 4 13.53 -24.70 45.44
C LEU D 4 12.56 -24.14 44.42
N SER D 5 12.55 -22.80 44.36
CA SER D 5 11.70 -22.06 43.46
C SER D 5 11.89 -22.46 42.00
N ARG D 6 13.13 -22.68 41.60
CA ARG D 6 13.45 -23.13 40.26
C ARG D 6 12.83 -24.49 39.99
N GLU D 7 12.97 -25.40 40.96
CA GLU D 7 12.42 -26.75 40.81
C GLU D 7 10.89 -26.71 40.81
N LEU D 8 10.33 -25.78 41.59
CA LEU D 8 8.89 -25.60 41.66
C LEU D 8 8.31 -25.21 40.30
N VAL D 9 9.07 -24.39 39.58
CA VAL D 9 8.66 -23.98 38.24
C VAL D 9 8.59 -25.21 37.35
N PHE D 10 9.55 -26.11 37.50
CA PHE D 10 9.58 -27.34 36.71
C PHE D 10 8.37 -28.22 37.01
N LEU D 11 8.03 -28.33 38.28
CA LEU D 11 6.82 -29.03 38.67
C LEU D 11 5.61 -28.44 37.99
N ILE D 12 5.53 -27.10 38.04
CA ILE D 12 4.45 -26.39 37.41
C ILE D 12 4.38 -26.70 35.92
N LEU D 13 5.55 -26.71 35.27
CA LEU D 13 5.65 -27.02 33.85
C LEU D 13 5.05 -28.39 33.54
N GLN D 14 5.39 -29.39 34.35
CA GLN D 14 4.88 -30.74 34.17
C GLN D 14 3.36 -30.77 34.30
N PHE D 15 2.86 -30.11 35.35
CA PHE D 15 1.42 -30.02 35.61
C PHE D 15 0.68 -29.38 34.46
N LEU D 16 1.14 -28.20 34.04
CA LEU D 16 0.54 -27.47 32.93
C LEU D 16 0.49 -28.31 31.66
N ASP D 17 1.56 -29.06 31.40
CA ASP D 17 1.62 -29.91 30.24
C ASP D 17 0.60 -31.03 30.33
N GLU D 18 0.46 -31.62 31.51
CA GLU D 18 -0.49 -32.71 31.71
C GLU D 18 -1.93 -32.25 31.56
N GLU D 19 -2.20 -31.01 31.92
CA GLU D 19 -3.55 -30.45 31.81
C GLU D 19 -3.75 -29.88 30.41
N LYS D 20 -2.71 -30.04 29.59
CA LYS D 20 -2.74 -29.64 28.19
C LYS D 20 -2.91 -28.14 28.02
N PHE D 21 -2.36 -27.36 28.94
CA PHE D 21 -2.33 -25.92 28.71
C PHE D 21 -1.04 -25.66 27.97
N LYS D 22 -1.10 -25.72 26.65
CA LYS D 22 0.13 -25.78 25.87
C LYS D 22 0.80 -24.43 25.82
N GLU D 23 -0.01 -23.39 25.60
CA GLU D 23 0.53 -22.06 25.40
C GLU D 23 1.10 -21.53 26.71
N THR D 24 0.49 -21.93 27.83
CA THR D 24 0.95 -21.50 29.15
C THR D 24 2.28 -22.12 29.49
N VAL D 25 2.47 -23.34 29.01
CA VAL D 25 3.71 -24.04 29.25
C VAL D 25 4.85 -23.25 28.65
N HIS D 26 4.66 -22.79 27.42
CA HIS D 26 5.74 -22.17 26.69
C HIS D 26 5.99 -20.73 27.12
N LYS D 27 4.95 -20.05 27.60
CA LYS D 27 5.15 -18.72 28.18
C LYS D 27 6.00 -18.83 29.45
N LEU D 28 5.76 -19.88 30.23
CA LEU D 28 6.50 -20.10 31.45
C LEU D 28 7.96 -20.49 31.15
N GLU D 29 8.15 -21.35 30.16
CA GLU D 29 9.48 -21.74 29.72
C GLU D 29 10.26 -20.47 29.38
N GLN D 30 9.61 -19.61 28.61
CA GLN D 30 10.18 -18.36 28.14
C GLN D 30 10.47 -17.37 29.27
N GLU D 31 9.47 -17.10 30.11
CA GLU D 31 9.64 -16.07 31.12
C GLU D 31 10.57 -16.50 32.26
N SER D 32 10.57 -17.79 32.59
CA SER D 32 11.47 -18.30 33.59
C SER D 32 12.88 -18.47 33.03
N GLY D 33 12.95 -18.78 31.74
CA GLY D 33 14.19 -19.11 31.08
C GLY D 33 14.87 -20.38 31.58
N PHE D 34 14.13 -21.22 32.29
CA PHE D 34 14.71 -22.43 32.89
C PHE D 34 14.83 -23.65 31.95
N PHE D 35 13.92 -23.77 30.99
CA PHE D 35 13.92 -24.89 30.04
C PHE D 35 13.57 -24.45 28.62
N PHE D 36 14.44 -24.79 27.67
CA PHE D 36 14.21 -24.49 26.25
C PHE D 36 13.64 -25.71 25.54
N ASN D 37 12.45 -25.55 24.96
CA ASN D 37 11.72 -26.68 24.41
C ASN D 37 11.94 -26.80 22.91
N MET D 38 12.81 -27.75 22.53
CA MET D 38 13.19 -27.95 21.13
C MET D 38 12.02 -28.26 20.25
N LYS D 39 11.24 -29.24 20.66
CA LYS D 39 10.06 -29.68 19.94
C LYS D 39 9.19 -28.50 19.54
N TYR D 40 8.90 -27.65 20.52
CA TYR D 40 8.10 -26.46 20.30
C TYR D 40 8.77 -25.53 19.32
N PHE D 41 10.05 -25.28 19.54
CA PHE D 41 10.83 -24.40 18.70
C PHE D 41 10.76 -24.82 17.23
N GLU D 42 10.98 -26.10 16.99
CA GLU D 42 10.92 -26.65 15.64
C GLU D 42 9.57 -26.41 14.99
N GLU D 43 8.53 -26.75 15.75
CA GLU D 43 7.16 -26.58 15.30
C GLU D 43 6.91 -25.14 14.84
N LYS D 44 7.38 -24.17 15.62
CA LYS D 44 7.16 -22.76 15.27
C LYS D 44 8.02 -22.31 14.09
N VAL D 45 9.24 -22.83 13.98
CA VAL D 45 10.07 -22.46 12.84
C VAL D 45 9.44 -22.96 11.55
N HIS D 46 9.04 -24.22 11.52
CA HIS D 46 8.35 -24.79 10.36
C HIS D 46 7.12 -23.96 9.98
N ALA D 47 6.41 -23.47 10.98
CA ALA D 47 5.21 -22.67 10.76
C ALA D 47 5.52 -21.26 10.29
N GLY D 48 6.79 -20.90 10.31
CA GLY D 48 7.20 -19.56 9.98
C GLY D 48 6.65 -18.50 10.93
N GLU D 49 6.43 -18.86 12.19
CA GLU D 49 5.89 -17.86 13.11
C GLU D 49 7.11 -17.15 13.69
N TRP D 50 7.57 -16.11 13.02
CA TRP D 50 8.88 -15.57 13.38
C TRP D 50 8.75 -14.71 14.60
N ASP D 51 7.59 -14.08 14.73
CA ASP D 51 7.34 -13.19 15.85
C ASP D 51 7.44 -13.96 17.14
N GLU D 52 6.83 -15.14 17.16
CA GLU D 52 6.81 -15.99 18.34
C GLU D 52 8.17 -16.63 18.59
N VAL D 53 8.83 -17.06 17.52
CA VAL D 53 10.17 -17.61 17.62
C VAL D 53 11.10 -16.62 18.33
N GLU D 54 11.14 -15.39 17.87
CA GLU D 54 12.05 -14.39 18.45
C GLU D 54 11.64 -14.08 19.89
N LYS D 55 10.34 -14.11 20.15
CA LYS D 55 9.81 -13.85 21.48
C LYS D 55 10.18 -14.95 22.48
N TYR D 56 10.07 -16.21 22.03
CA TYR D 56 10.45 -17.36 22.84
C TYR D 56 11.95 -17.34 23.13
N LEU D 57 12.75 -17.10 22.08
CA LEU D 57 14.20 -16.97 22.22
C LEU D 57 14.61 -15.86 23.18
N SER D 58 13.83 -14.78 23.17
CA SER D 58 14.16 -13.59 23.97
C SER D 58 14.15 -13.93 25.45
N GLY D 59 13.49 -15.01 25.81
CA GLY D 59 13.55 -15.43 27.19
C GLY D 59 14.87 -16.06 27.57
N PHE D 60 15.62 -16.51 26.57
CA PHE D 60 16.89 -17.18 26.87
C PHE D 60 18.18 -16.44 26.52
N THR D 61 18.12 -15.53 25.54
CA THR D 61 19.31 -14.79 25.11
C THR D 61 18.96 -13.50 24.37
N LYS D 62 19.87 -12.54 24.36
CA LYS D 62 19.69 -11.35 23.54
C LYS D 62 20.50 -11.58 22.28
N VAL D 63 20.39 -10.67 21.31
CA VAL D 63 21.00 -10.91 20.00
C VAL D 63 22.53 -10.90 20.08
N ASP D 64 23.07 -10.00 20.91
CA ASP D 64 24.50 -9.78 21.03
C ASP D 64 25.17 -10.47 22.22
N ASP D 65 24.51 -11.44 22.85
CA ASP D 65 25.14 -12.13 23.96
C ASP D 65 26.41 -12.92 23.57
N ASN D 66 26.37 -13.66 22.46
CA ASN D 66 27.52 -14.45 22.00
C ASN D 66 27.41 -14.82 20.51
N ARG D 67 28.51 -15.26 19.92
CA ARG D 67 28.56 -15.51 18.48
C ARG D 67 27.56 -16.57 18.01
N TYR D 68 27.22 -17.50 18.91
CA TYR D 68 26.23 -18.53 18.60
C TYR D 68 24.86 -17.91 18.53
N SER D 69 24.49 -17.19 19.57
CA SER D 69 23.16 -16.60 19.64
C SER D 69 23.01 -15.49 18.63
N MET D 70 24.15 -14.93 18.20
CA MET D 70 24.13 -13.91 17.16
C MET D 70 23.85 -14.49 15.79
N LYS D 71 24.45 -15.64 15.49
CA LYS D 71 24.20 -16.34 14.23
C LYS D 71 22.79 -16.93 14.20
N ILE D 72 22.27 -17.29 15.37
CA ILE D 72 20.90 -17.84 15.44
C ILE D 72 19.89 -16.81 14.97
N PHE D 73 19.97 -15.61 15.53
CA PHE D 73 19.07 -14.53 15.12
C PHE D 73 19.29 -14.15 13.67
N PHE D 74 20.55 -14.07 13.26
CA PHE D 74 20.85 -13.73 11.88
C PHE D 74 20.20 -14.71 10.90
N GLU D 75 20.34 -16.00 11.17
CA GLU D 75 19.74 -16.98 10.29
C GLU D 75 18.23 -16.78 10.24
N ILE D 76 17.60 -16.55 11.39
CA ILE D 76 16.15 -16.40 11.46
C ILE D 76 15.70 -15.18 10.67
N ARG D 77 16.38 -14.07 10.87
CA ARG D 77 16.01 -12.84 10.21
C ARG D 77 16.31 -12.87 8.70
N LYS D 78 17.36 -13.58 8.30
CA LYS D 78 17.63 -13.78 6.88
C LYS D 78 16.50 -14.51 6.16
N GLN D 79 16.03 -15.61 6.74
CA GLN D 79 14.95 -16.40 6.14
C GLN D 79 13.67 -15.58 6.09
N LYS D 80 13.44 -14.79 7.13
CA LYS D 80 12.32 -13.86 7.17
C LYS D 80 12.34 -12.97 5.95
N TYR D 81 13.51 -12.37 5.72
CA TYR D 81 13.76 -11.46 4.61
C TYR D 81 13.54 -12.11 3.25
N LEU D 82 14.11 -13.28 3.05
CA LEU D 82 14.00 -14.00 1.78
C LEU D 82 12.56 -14.38 1.46
N GLU D 83 11.82 -14.85 2.47
CA GLU D 83 10.39 -15.15 2.34
C GLU D 83 9.59 -13.93 1.90
N ALA D 84 9.94 -12.77 2.44
CA ALA D 84 9.29 -11.51 2.08
C ALA D 84 9.52 -11.19 0.62
N LEU D 85 10.76 -11.39 0.17
CA LEU D 85 11.11 -11.22 -1.24
C LEU D 85 10.35 -12.23 -2.09
N ASP D 86 10.20 -13.45 -1.57
CA ASP D 86 9.65 -14.53 -2.37
C ASP D 86 8.15 -14.35 -2.62
N ARG D 87 7.47 -13.67 -1.70
CA ARG D 87 6.06 -13.31 -1.90
C ARG D 87 5.96 -11.92 -2.52
N HIS D 88 7.10 -11.41 -2.95
CA HIS D 88 7.22 -10.16 -3.68
C HIS D 88 6.72 -8.98 -2.86
N ASP D 89 6.88 -9.05 -1.54
CA ASP D 89 6.47 -7.93 -0.69
C ASP D 89 7.70 -7.12 -0.31
N ARG D 90 8.02 -6.13 -1.14
CA ARG D 90 9.27 -5.40 -1.01
C ARG D 90 9.17 -4.34 0.07
N ALA D 91 7.96 -3.91 0.36
CA ALA D 91 7.69 -3.05 1.50
C ALA D 91 8.07 -3.74 2.82
N LYS D 92 7.65 -5.00 2.98
CA LYS D 92 8.00 -5.78 4.17
C LYS D 92 9.49 -6.12 4.19
N ALA D 93 10.04 -6.43 3.03
CA ALA D 93 11.43 -6.81 2.91
C ALA D 93 12.35 -5.71 3.40
N VAL D 94 12.03 -4.47 3.04
CA VAL D 94 12.84 -3.34 3.45
C VAL D 94 12.67 -3.09 4.94
N ASP D 95 11.46 -3.32 5.46
CA ASP D 95 11.19 -3.11 6.88
C ASP D 95 12.04 -4.07 7.70
N ILE D 96 12.09 -5.31 7.26
CA ILE D 96 12.91 -6.34 7.89
C ILE D 96 14.39 -5.98 7.82
N LEU D 97 14.82 -5.52 6.65
CA LEU D 97 16.22 -5.16 6.42
C LEU D 97 16.73 -4.07 7.37
N VAL D 98 15.88 -3.09 7.65
CA VAL D 98 16.25 -1.99 8.55
C VAL D 98 16.06 -2.30 10.04
N LYS D 99 14.92 -2.90 10.38
CA LYS D 99 14.58 -3.17 11.79
C LYS D 99 15.28 -4.39 12.38
N ASP D 100 15.37 -5.45 11.59
CA ASP D 100 15.93 -6.72 12.06
C ASP D 100 17.42 -6.93 11.69
N LEU D 101 17.77 -6.70 10.43
CA LEU D 101 19.11 -7.03 9.95
C LEU D 101 20.20 -5.96 10.10
N LYS D 102 19.84 -4.71 10.40
CA LYS D 102 20.84 -3.64 10.37
C LYS D 102 21.88 -3.82 11.49
N VAL D 103 21.47 -4.40 12.61
CA VAL D 103 22.38 -4.61 13.74
C VAL D 103 23.60 -5.45 13.34
N PHE D 104 23.45 -6.31 12.33
CA PHE D 104 24.54 -7.19 11.94
C PHE D 104 25.50 -6.48 11.00
N SER D 105 25.12 -5.29 10.52
CA SER D 105 25.97 -4.54 9.57
C SER D 105 27.25 -4.13 10.21
N THR D 106 27.16 -3.69 11.47
CA THR D 106 28.29 -3.09 12.16
C THR D 106 29.45 -4.07 12.18
N PHE D 107 29.09 -5.33 12.37
CA PHE D 107 30.07 -6.41 12.47
C PHE D 107 30.44 -6.96 11.09
N ASN D 108 29.48 -6.95 10.17
CA ASN D 108 29.76 -7.26 8.78
C ASN D 108 29.15 -6.26 7.79
N GLU D 109 29.95 -5.31 7.29
CA GLU D 109 29.41 -4.22 6.47
C GLU D 109 29.09 -4.77 5.09
N GLU D 110 29.97 -5.64 4.63
CA GLU D 110 29.90 -6.14 3.27
C GLU D 110 28.73 -7.08 3.04
N LEU D 111 28.45 -7.95 4.00
CA LEU D 111 27.33 -8.89 3.86
C LEU D 111 26.00 -8.15 3.85
N TYR D 112 25.89 -7.13 4.68
CA TYR D 112 24.69 -6.32 4.74
C TYR D 112 24.39 -5.66 3.41
N LYS D 113 25.44 -5.17 2.77
CA LYS D 113 25.33 -4.58 1.43
C LYS D 113 24.89 -5.62 0.40
N GLU D 114 25.55 -6.77 0.40
CA GLU D 114 25.22 -7.86 -0.51
C GLU D 114 23.76 -8.29 -0.35
N ILE D 115 23.30 -8.34 0.90
CA ILE D 115 21.93 -8.75 1.21
C ILE D 115 20.94 -7.66 0.77
N THR D 116 21.33 -6.40 0.99
CA THR D 116 20.52 -5.26 0.56
C THR D 116 20.29 -5.30 -0.95
N GLN D 117 21.34 -5.61 -1.71
CA GLN D 117 21.26 -5.59 -3.17
C GLN D 117 20.30 -6.65 -3.75
N LEU D 118 19.86 -7.58 -2.92
CA LEU D 118 18.90 -8.61 -3.35
C LEU D 118 17.52 -8.03 -3.64
N LEU D 119 17.27 -6.84 -3.13
CA LEU D 119 16.00 -6.14 -3.41
C LEU D 119 15.75 -5.90 -4.90
N THR D 120 16.83 -5.69 -5.65
CA THR D 120 16.72 -5.31 -7.05
C THR D 120 16.69 -6.47 -8.03
N LEU D 121 16.84 -7.70 -7.53
CA LEU D 121 16.81 -8.87 -8.40
C LEU D 121 15.37 -9.33 -8.70
N GLU D 122 15.17 -9.90 -9.87
CA GLU D 122 13.90 -10.54 -10.21
C GLU D 122 13.67 -11.73 -9.29
N ASN D 123 14.75 -12.46 -9.04
CA ASN D 123 14.68 -13.58 -8.13
C ASN D 123 16.03 -13.66 -7.39
N PHE D 124 16.03 -13.71 -6.06
CA PHE D 124 17.31 -13.71 -5.34
C PHE D 124 18.14 -14.97 -5.65
N ARG D 125 17.51 -15.91 -6.35
CA ARG D 125 18.17 -17.09 -6.85
C ARG D 125 19.12 -16.80 -8.01
N GLU D 126 19.15 -15.55 -8.43
CA GLU D 126 20.12 -15.08 -9.40
C GLU D 126 21.50 -14.93 -8.75
N ASN D 127 21.51 -14.72 -7.44
CA ASN D 127 22.75 -14.78 -6.68
C ASN D 127 23.16 -16.25 -6.60
N GLU D 128 24.42 -16.56 -6.89
CA GLU D 128 24.87 -17.95 -6.98
C GLU D 128 24.83 -18.64 -5.64
N GLN D 129 25.09 -17.90 -4.57
CA GLN D 129 25.11 -18.51 -3.24
C GLN D 129 23.72 -18.92 -2.80
N LEU D 130 22.71 -18.20 -3.27
CA LEU D 130 21.31 -18.52 -2.99
C LEU D 130 20.59 -19.27 -4.12
N SER D 131 21.32 -19.66 -5.15
CA SER D 131 20.73 -20.31 -6.34
C SER D 131 20.04 -21.63 -6.02
N LYS D 132 20.29 -22.13 -4.82
CA LYS D 132 19.82 -23.44 -4.38
C LYS D 132 18.55 -23.44 -3.50
N TYR D 133 17.97 -22.27 -3.25
CA TYR D 133 16.87 -22.17 -2.30
C TYR D 133 15.51 -22.42 -2.99
N GLY D 134 14.96 -23.61 -2.77
CA GLY D 134 13.92 -24.12 -3.65
C GLY D 134 12.47 -23.99 -3.22
N ASP D 135 12.25 -23.82 -1.92
CA ASP D 135 10.91 -23.84 -1.34
C ASP D 135 10.94 -23.07 -0.04
N THR D 136 9.78 -22.58 0.40
CA THR D 136 9.70 -21.98 1.71
C THR D 136 9.79 -23.13 2.70
N LYS D 137 9.02 -24.18 2.42
CA LYS D 137 8.99 -25.37 3.26
C LYS D 137 10.36 -25.99 3.47
N SER D 138 11.10 -26.15 2.37
CA SER D 138 12.39 -26.85 2.39
C SER D 138 13.48 -25.99 3.00
N ALA D 139 13.43 -24.70 2.73
CA ALA D 139 14.42 -23.77 3.25
C ALA D 139 14.36 -23.67 4.75
N ARG D 140 13.15 -23.64 5.28
CA ARG D 140 12.91 -23.59 6.71
C ARG D 140 13.51 -24.81 7.36
N SER D 141 13.31 -25.96 6.71
CA SER D 141 13.80 -27.24 7.21
C SER D 141 15.32 -27.29 7.26
N ILE D 142 15.95 -26.78 6.20
CA ILE D 142 17.41 -26.75 6.11
C ILE D 142 17.96 -25.88 7.21
N MET D 143 17.36 -24.71 7.32
CA MET D 143 17.73 -23.73 8.32
C MET D 143 17.54 -24.23 9.75
N LEU D 144 16.50 -25.03 9.94
CA LEU D 144 16.17 -25.52 11.26
C LEU D 144 17.29 -26.45 11.75
N ILE D 145 17.80 -27.26 10.84
CA ILE D 145 18.90 -28.17 11.16
C ILE D 145 20.07 -27.38 11.71
N GLU D 146 20.32 -26.24 11.09
CA GLU D 146 21.43 -25.39 11.46
C GLU D 146 21.19 -24.73 12.81
N LEU D 147 19.96 -24.28 13.06
CA LEU D 147 19.61 -23.69 14.34
C LEU D 147 19.79 -24.66 15.50
N LYS D 148 19.35 -25.90 15.31
CA LYS D 148 19.46 -26.92 16.36
C LYS D 148 20.91 -27.09 16.80
N LYS D 149 21.81 -27.14 15.82
CA LYS D 149 23.25 -27.23 16.10
C LYS D 149 23.74 -26.01 16.86
N LEU D 150 23.33 -24.83 16.39
CA LEU D 150 23.76 -23.58 17.00
C LEU D 150 23.26 -23.49 18.43
N ILE D 151 22.05 -23.96 18.67
CA ILE D 151 21.47 -23.92 20.00
C ILE D 151 22.16 -24.92 20.93
N GLU D 152 22.33 -26.14 20.46
CA GLU D 152 22.98 -27.18 21.27
C GLU D 152 24.42 -26.80 21.62
N ALA D 153 25.10 -26.09 20.73
CA ALA D 153 26.45 -25.63 21.04
C ALA D 153 26.48 -24.35 21.89
N ASN D 154 25.38 -23.60 21.89
CA ASN D 154 25.34 -22.34 22.62
C ASN D 154 25.45 -22.59 24.12
N PRO D 155 26.47 -21.99 24.77
CA PRO D 155 26.70 -22.19 26.21
C PRO D 155 25.55 -21.69 27.11
N LEU D 156 24.71 -20.80 26.61
CA LEU D 156 23.61 -20.27 27.42
C LEU D 156 22.42 -21.22 27.41
N PHE D 157 22.41 -22.16 26.46
CA PHE D 157 21.35 -23.19 26.38
C PHE D 157 21.76 -24.59 26.82
N ARG D 158 23.06 -24.76 27.06
CA ARG D 158 23.70 -26.08 27.17
C ARG D 158 23.11 -26.95 28.28
N GLU D 159 22.77 -26.31 29.38
CA GLU D 159 22.19 -27.01 30.52
C GLU D 159 20.66 -26.88 30.59
N LYS D 160 20.06 -26.26 29.58
CA LYS D 160 18.60 -26.05 29.53
C LYS D 160 17.78 -26.95 28.56
N LEU D 161 18.42 -27.91 27.89
CA LEU D 161 17.75 -28.64 26.80
C LEU D 161 17.12 -29.97 27.18
N VAL D 162 17.32 -30.42 28.41
CA VAL D 162 16.79 -31.72 28.81
C VAL D 162 15.92 -31.52 30.02
N PHE D 163 14.67 -31.94 29.91
CA PHE D 163 13.75 -31.82 31.01
C PHE D 163 14.21 -32.82 32.04
N PRO D 164 14.01 -32.50 33.31
CA PRO D 164 14.22 -33.54 34.31
C PRO D 164 13.18 -34.62 34.05
N THR D 165 13.24 -35.71 34.78
CA THR D 165 12.24 -36.73 34.57
C THR D 165 11.63 -36.92 35.94
N LEU D 166 10.31 -37.05 35.99
CA LEU D 166 9.60 -37.15 37.25
C LEU D 166 8.51 -38.16 37.03
N LYS D 167 8.05 -38.83 38.08
CA LYS D 167 6.81 -39.57 37.92
C LYS D 167 5.70 -38.59 37.62
N ALA D 168 4.69 -39.07 36.90
CA ALA D 168 3.58 -38.23 36.49
C ALA D 168 2.97 -37.52 37.69
N SER D 169 2.56 -36.27 37.44
CA SER D 169 1.82 -35.47 38.40
C SER D 169 2.57 -35.28 39.72
N ARG D 170 3.86 -34.97 39.67
CA ARG D 170 4.62 -34.79 40.90
C ARG D 170 4.04 -33.68 41.78
N LEU D 171 3.62 -32.57 41.17
CA LEU D 171 3.03 -31.47 41.91
C LEU D 171 1.74 -31.89 42.58
N ARG D 172 0.92 -32.67 41.87
CA ARG D 172 -0.32 -33.15 42.45
C ARG D 172 -0.06 -34.02 43.68
N THR D 173 1.00 -34.82 43.59
CA THR D 173 1.40 -35.69 44.70
C THR D 173 1.89 -34.88 45.89
N LEU D 174 2.68 -33.85 45.65
CA LEU D 174 3.15 -32.98 46.72
C LEU D 174 2.00 -32.29 47.42
N ILE D 175 1.10 -31.70 46.64
CA ILE D 175 -0.12 -31.10 47.18
C ILE D 175 -0.84 -32.06 48.09
N ASN D 176 -0.91 -33.32 47.67
CA ASN D 176 -1.54 -34.38 48.45
C ASN D 176 -0.93 -34.53 49.83
N GLN D 177 0.40 -34.51 49.86
CA GLN D 177 1.14 -34.58 51.11
C GLN D 177 0.84 -33.41 52.06
N SER D 178 0.72 -32.20 51.52
CA SER D 178 0.38 -31.04 52.35
C SER D 178 -0.99 -31.24 52.99
N LEU D 179 -1.87 -31.96 52.31
CA LEU D 179 -3.19 -32.25 52.85
C LEU D 179 -3.06 -33.31 53.93
N ASN D 180 -2.16 -34.27 53.72
CA ASN D 180 -1.88 -35.28 54.74
C ASN D 180 -1.24 -34.64 55.98
N TRP D 181 -0.37 -33.65 55.79
CA TRP D 181 0.28 -32.98 56.90
C TRP D 181 -0.71 -32.12 57.69
N GLN D 182 -1.66 -31.54 56.99
CA GLN D 182 -2.66 -30.70 57.64
C GLN D 182 -3.59 -31.55 58.48
N HIS D 183 -4.08 -32.64 57.91
CA HIS D 183 -5.11 -33.41 58.58
C HIS D 183 -4.55 -34.35 59.63
N GLN D 184 -3.23 -34.56 59.62
CA GLN D 184 -2.62 -35.37 60.67
C GLN D 184 -2.42 -34.55 61.95
N LEU D 185 -2.68 -33.25 61.84
CA LEU D 185 -2.71 -32.36 63.00
C LEU D 185 -4.15 -32.17 63.52
N CYS D 186 -5.12 -32.82 62.85
CA CYS D 186 -6.53 -32.90 63.26
C CYS D 186 -6.66 -33.83 64.48
N LYS D 187 -7.76 -33.74 65.22
CA LYS D 187 -8.03 -34.70 66.31
C LYS D 187 -8.46 -36.10 65.87
N ASN D 188 -9.59 -36.22 65.17
CA ASN D 188 -10.03 -37.52 64.68
C ASN D 188 -10.56 -37.50 63.24
N PRO D 189 -10.38 -38.60 62.50
CA PRO D 189 -10.90 -38.71 61.13
C PRO D 189 -12.44 -38.86 61.14
N ARG D 190 -13.13 -39.00 59.99
CA ARG D 190 -12.55 -39.04 58.64
C ARG D 190 -13.38 -38.29 57.60
N ILE D 195 -10.00 -31.91 50.13
CA ILE D 195 -11.36 -32.20 50.57
C ILE D 195 -12.24 -30.94 50.48
N LYS D 196 -11.92 -29.90 51.24
CA LYS D 196 -12.72 -28.69 51.31
C LYS D 196 -12.07 -27.64 50.46
N THR D 197 -10.86 -27.26 50.83
CA THR D 197 -10.16 -26.27 50.04
C THR D 197 -8.64 -26.41 50.21
N LEU D 198 -7.90 -25.85 49.26
CA LEU D 198 -6.47 -25.70 49.36
C LEU D 198 -6.14 -24.29 49.81
N PHE D 199 -7.17 -23.46 49.95
CA PHE D 199 -6.97 -22.03 50.18
C PHE D 199 -6.59 -21.68 51.62
N THR D 200 -7.09 -22.47 52.56
CA THR D 200 -6.72 -22.35 53.97
C THR D 200 -6.49 -23.75 54.50
N ASP D 201 -5.75 -23.87 55.60
CA ASP D 201 -5.37 -25.20 56.06
C ASP D 201 -6.61 -25.91 56.57
N HIS D 202 -6.71 -27.19 56.25
CA HIS D 202 -7.87 -28.02 56.58
C HIS D 202 -7.81 -28.58 58.00
N THR D 203 -8.93 -28.49 58.72
CA THR D 203 -9.03 -29.01 60.10
C THR D 203 -10.41 -29.61 60.39
N CYS D 204 -10.57 -30.19 61.57
CA CYS D 204 -11.88 -30.70 61.98
C CYS D 204 -12.52 -30.02 63.21
N GLY E 3 -34.67 5.14 -19.07
CA GLY E 3 -34.01 5.47 -20.33
C GLY E 3 -32.61 6.02 -20.12
N LEU E 4 -32.53 7.20 -19.53
CA LEU E 4 -31.27 7.80 -19.08
C LEU E 4 -31.00 7.66 -17.58
N GLU E 5 -31.81 6.87 -16.91
CA GLU E 5 -31.66 6.64 -15.49
C GLU E 5 -30.34 5.92 -15.24
N LEU E 6 -29.63 6.28 -14.17
CA LEU E 6 -28.41 5.59 -13.82
C LEU E 6 -28.83 4.27 -13.17
N SER E 7 -28.12 3.17 -13.45
CA SER E 7 -28.48 1.87 -12.86
C SER E 7 -27.31 0.90 -12.75
N LEU E 8 -27.57 -0.25 -12.12
CA LEU E 8 -26.53 -1.25 -11.93
C LEU E 8 -26.10 -1.94 -13.23
N GLY E 9 -27.05 -2.22 -14.11
CA GLY E 9 -26.75 -2.89 -15.35
C GLY E 9 -27.72 -2.56 -16.47
N GLY F 3 33.32 14.50 -14.66
CA GLY F 3 33.01 15.45 -15.72
C GLY F 3 31.64 15.16 -16.35
N LEU F 4 31.52 14.06 -17.08
CA LEU F 4 30.19 13.60 -17.50
C LEU F 4 29.70 12.25 -16.91
N GLU F 5 30.57 11.54 -16.18
CA GLU F 5 30.22 10.23 -15.60
C GLU F 5 29.25 10.33 -14.43
N LEU F 6 28.42 9.32 -14.26
CA LEU F 6 27.40 9.33 -13.21
C LEU F 6 27.93 9.09 -11.78
N SER F 7 27.37 9.83 -10.82
CA SER F 7 27.71 9.69 -9.40
C SER F 7 26.57 10.20 -8.49
N LEU F 8 26.72 10.02 -7.17
CA LEU F 8 25.67 10.42 -6.24
C LEU F 8 25.47 11.92 -6.01
N GLY F 9 26.54 12.70 -5.96
CA GLY F 9 26.38 14.12 -5.67
C GLY F 9 27.44 15.02 -6.27
N GLY G 3 -32.24 -4.33 25.37
CA GLY G 3 -31.94 -4.32 23.95
C GLY G 3 -30.56 -4.89 23.69
N LEU G 4 -30.51 -6.17 23.31
CA LEU G 4 -29.27 -6.78 22.88
C LEU G 4 -29.08 -6.79 21.37
N GLU G 5 -29.95 -6.09 20.64
CA GLU G 5 -29.82 -6.01 19.20
C GLU G 5 -28.56 -5.20 18.92
N LEU G 6 -27.82 -5.57 17.88
CA LEU G 6 -26.61 -4.83 17.54
C LEU G 6 -27.03 -3.51 16.92
N SER G 7 -26.23 -2.46 17.11
CA SER G 7 -26.52 -1.18 16.46
C SER G 7 -25.27 -0.34 16.24
N LEU G 8 -25.39 0.70 15.42
CA LEU G 8 -24.26 1.59 15.13
C LEU G 8 -23.92 2.41 16.36
N GLY G 9 -24.95 2.83 17.09
CA GLY G 9 -24.79 3.65 18.27
C GLY G 9 -24.21 2.88 19.44
N GLY H 3 34.74 -18.72 13.23
CA GLY H 3 33.77 -19.74 13.56
C GLY H 3 32.38 -19.14 13.55
N LEU H 4 31.43 -19.83 12.92
CA LEU H 4 30.03 -19.43 12.90
C LEU H 4 29.93 -18.14 12.11
N GLU H 5 30.73 -18.05 11.05
CA GLU H 5 30.75 -16.84 10.24
C GLU H 5 29.39 -16.70 9.61
N LEU H 6 28.91 -15.46 9.53
CA LEU H 6 27.62 -15.24 8.91
C LEU H 6 27.82 -15.35 7.41
N SER H 7 26.87 -15.96 6.73
CA SER H 7 26.97 -16.09 5.28
C SER H 7 25.60 -16.25 4.66
N LEU H 8 25.55 -16.07 3.34
CA LEU H 8 24.33 -16.15 2.57
C LEU H 8 23.80 -17.57 2.45
N GLY H 9 24.72 -18.51 2.22
CA GLY H 9 24.35 -19.90 2.02
C GLY H 9 24.00 -20.61 3.30
#